data_4J1G
#
_entry.id   4J1G
#
_cell.length_a   49.839
_cell.length_b   73.832
_cell.length_c   79.884
_cell.angle_alpha   69.74
_cell.angle_beta   89.66
_cell.angle_gamma   75.44
#
_symmetry.space_group_name_H-M   'P 1'
#
loop_
_entity.id
_entity.type
_entity.pdbx_description
1 polymer Nucleocapsid
2 polymer 'RNA (45-MER)'
3 water water
#
loop_
_entity_poly.entity_id
_entity_poly.type
_entity_poly.pdbx_seq_one_letter_code
_entity_poly.pdbx_strand_id
1 'polypeptide(L)'
;MSTGPDFIYDDRPAAVSSTFNPEKGYMDFITAYGKNINADNVRIFFLNHKKAKDSLKGSPKVEVDLQFGTLRVKVVNNHN
PRNRDNPVADNAITLHRLSGYLAKWCFDEIDHGQIEEAEVKSKVVIPLAEAKGCKWGDGVALYLAFAPGAEMFLKDFEFY
PLAIDIQRVVKDGMDITFMRKVLKQRYGTKTADDWMISEVTAIQSAVKVVAKLPWAKAGFTAAAKNFLAKFNISV
;
A,D,C,B
2 'polyribonucleotide' UUUUUUUUUUUUUUUUUUUUUUUUUUUUUUUUUUUUUUUUUUUUU E
#
loop_
_chem_comp.id
_chem_comp.type
_chem_comp.name
_chem_comp.formula
U RNA linking URIDINE-5'-MONOPHOSPHATE 'C9 H13 N2 O9 P'
#
# COMPACT_ATOMS: atom_id res chain seq x y z
N ASP A 6 -19.93 -5.66 26.84
CA ASP A 6 -21.28 -5.19 27.15
C ASP A 6 -21.56 -3.74 26.77
N PHE A 7 -20.63 -2.82 26.98
CA PHE A 7 -20.92 -1.48 26.54
C PHE A 7 -19.76 -0.78 25.85
N ILE A 8 -20.04 -0.31 24.64
CA ILE A 8 -19.14 0.56 23.87
C ILE A 8 -20.03 1.73 23.48
N TYR A 9 -20.00 2.77 24.30
CA TYR A 9 -21.04 3.79 24.28
C TYR A 9 -21.16 4.52 22.95
N ASP A 10 -22.40 4.57 22.47
CA ASP A 10 -22.68 5.22 21.21
C ASP A 10 -23.88 6.12 21.38
N ASP A 11 -23.89 7.21 20.63
CA ASP A 11 -25.02 8.12 20.69
C ASP A 11 -25.05 8.98 19.45
N ARG A 12 -26.15 9.70 19.23
CA ARG A 12 -26.32 10.33 17.92
C ARG A 12 -26.07 11.83 17.85
N PRO A 13 -25.35 12.28 16.83
CA PRO A 13 -25.50 13.70 16.45
C PRO A 13 -26.49 13.88 15.27
N ALA A 14 -27.38 14.85 15.33
CA ALA A 14 -28.37 14.97 14.26
C ALA A 14 -28.31 16.39 13.85
N ALA A 15 -28.04 16.68 12.58
CA ALA A 15 -27.84 18.08 12.20
C ALA A 15 -27.48 18.42 10.75
N VAL A 16 -27.09 19.68 10.58
CA VAL A 16 -26.79 20.29 9.30
C VAL A 16 -26.96 21.81 9.51
N SER A 17 -25.90 22.47 9.98
CA SER A 17 -25.89 23.93 10.10
C SER A 17 -24.54 24.49 9.66
N SER A 18 -24.51 25.69 9.10
CA SER A 18 -23.25 26.24 8.58
C SER A 18 -22.94 27.58 9.22
N THR A 19 -22.45 27.52 10.44
CA THR A 19 -22.06 28.69 11.18
C THR A 19 -20.82 29.27 10.52
N PHE A 20 -19.66 28.78 10.94
CA PHE A 20 -18.32 29.18 10.45
C PHE A 20 -18.12 30.14 9.27
N ASN A 21 -17.81 31.38 9.62
CA ASN A 21 -17.56 32.44 8.65
C ASN A 21 -16.07 32.77 8.67
N PRO A 22 -15.37 32.39 7.59
CA PRO A 22 -13.91 32.56 7.50
C PRO A 22 -13.47 33.99 7.73
N GLU A 23 -14.28 34.96 7.31
CA GLU A 23 -14.00 36.37 7.56
C GLU A 23 -13.96 36.62 9.06
N LYS A 24 -15.01 36.18 9.74
CA LYS A 24 -15.13 36.40 11.17
C LYS A 24 -14.04 35.63 11.91
N GLY A 25 -13.83 34.38 11.50
CA GLY A 25 -12.80 33.57 12.10
C GLY A 25 -11.45 34.24 12.01
N TYR A 26 -11.18 34.83 10.85
CA TYR A 26 -9.95 35.55 10.58
C TYR A 26 -9.83 36.75 11.51
N MET A 27 -10.93 37.51 11.64
CA MET A 27 -10.92 38.69 12.49
C MET A 27 -10.67 38.35 13.96
N ASP A 28 -11.28 37.28 14.47
CA ASP A 28 -11.08 36.86 15.85
C ASP A 28 -9.64 36.40 16.02
N PHE A 29 -9.14 35.70 15.01
CA PHE A 29 -7.78 35.19 15.04
C PHE A 29 -6.75 36.31 15.11
N ILE A 30 -6.99 37.38 14.35
CA ILE A 30 -6.12 38.56 14.33
C ILE A 30 -6.23 39.30 15.67
N THR A 31 -7.47 39.50 16.13
CA THR A 31 -7.71 40.14 17.42
C THR A 31 -6.92 39.44 18.52
N ALA A 32 -6.84 38.11 18.41
CA ALA A 32 -6.18 37.31 19.42
C ALA A 32 -4.66 37.27 19.27
N TYR A 33 -4.19 37.21 18.02
CA TYR A 33 -2.78 36.95 17.76
C TYR A 33 -2.08 37.97 16.86
N GLY A 34 -2.81 38.94 16.34
CA GLY A 34 -2.27 39.79 15.27
C GLY A 34 -0.95 40.48 15.55
N LYS A 35 -0.62 40.62 16.83
CA LYS A 35 0.61 41.26 17.25
C LYS A 35 1.83 40.35 17.16
N ASN A 36 1.61 39.04 17.29
CA ASN A 36 2.71 38.08 17.25
C ASN A 36 2.91 37.50 15.86
N ILE A 37 2.13 37.99 14.90
CA ILE A 37 2.29 37.56 13.51
C ILE A 37 3.27 38.48 12.78
N ASN A 38 4.33 37.90 12.25
CA ASN A 38 5.27 38.64 11.41
C ASN A 38 5.77 37.73 10.29
N ALA A 39 6.44 38.31 9.29
CA ALA A 39 6.87 37.56 8.13
C ALA A 39 7.76 36.38 8.51
N ASP A 40 8.52 36.53 9.58
CA ASP A 40 9.39 35.48 10.06
C ASP A 40 8.57 34.26 10.45
N ASN A 41 7.65 34.44 11.38
CA ASN A 41 6.83 33.34 11.90
C ASN A 41 5.95 32.70 10.84
N VAL A 42 5.41 33.53 9.95
CA VAL A 42 4.59 33.04 8.86
C VAL A 42 5.44 32.12 7.99
N ARG A 43 6.68 32.55 7.74
CA ARG A 43 7.58 31.75 6.92
C ARG A 43 7.91 30.41 7.56
N ILE A 44 8.30 30.46 8.83
CA ILE A 44 8.66 29.23 9.54
C ILE A 44 7.45 28.30 9.58
N PHE A 45 6.25 28.87 9.76
CA PHE A 45 5.03 28.08 9.79
C PHE A 45 4.87 27.34 8.48
N PHE A 46 4.81 28.10 7.39
CA PHE A 46 4.63 27.53 6.05
C PHE A 46 5.70 26.50 5.70
N LEU A 47 6.84 26.59 6.37
CA LEU A 47 7.90 25.62 6.16
C LEU A 47 7.75 24.42 7.08
N ASN A 48 6.98 24.59 8.16
CA ASN A 48 6.81 23.53 9.14
C ASN A 48 5.38 22.96 9.21
N HIS A 49 4.60 23.21 8.17
CA HIS A 49 3.20 22.78 8.09
C HIS A 49 3.07 21.26 8.18
N LYS A 50 3.70 20.57 7.22
CA LYS A 50 3.65 19.11 7.16
C LYS A 50 4.19 18.45 8.44
N LYS A 51 5.31 18.97 8.94
CA LYS A 51 5.90 18.45 10.18
C LYS A 51 4.90 18.56 11.32
N ALA A 52 4.31 19.74 11.47
CA ALA A 52 3.33 19.94 12.52
C ALA A 52 2.17 18.96 12.33
N LYS A 53 1.90 18.60 11.08
CA LYS A 53 0.79 17.71 10.71
C LYS A 53 1.06 16.26 11.19
N ASP A 54 2.27 15.76 10.94
CA ASP A 54 2.62 14.42 11.44
C ASP A 54 2.73 14.41 12.98
N SER A 55 3.33 15.46 13.53
CA SER A 55 3.53 15.59 14.97
C SER A 55 2.22 15.64 15.74
N LEU A 56 1.20 16.22 15.13
CA LEU A 56 -0.11 16.24 15.74
C LEU A 56 -0.80 14.88 15.53
N LYS A 57 -0.53 14.22 14.40
CA LYS A 57 -1.13 12.90 14.15
C LYS A 57 -0.69 11.95 15.27
N GLY A 58 0.55 12.12 15.72
CA GLY A 58 1.11 11.30 16.78
C GLY A 58 0.47 11.55 18.14
N SER A 59 0.15 12.81 18.41
CA SER A 59 -0.35 13.25 19.72
C SER A 59 -1.82 12.94 20.01
N PRO A 60 -2.16 12.75 21.29
CA PRO A 60 -3.51 12.46 21.72
C PRO A 60 -4.29 13.68 22.22
N LYS A 61 -3.68 14.85 22.12
CA LYS A 61 -4.32 16.07 22.59
C LYS A 61 -5.52 16.45 21.71
N VAL A 62 -6.63 16.78 22.36
CA VAL A 62 -7.85 17.13 21.67
C VAL A 62 -7.68 18.53 21.10
N GLU A 63 -6.88 19.31 21.82
CA GLU A 63 -6.55 20.69 21.52
C GLU A 63 -5.07 20.91 21.76
N VAL A 64 -4.25 20.92 20.72
CA VAL A 64 -2.80 21.01 20.93
C VAL A 64 -2.37 22.47 20.90
N ASP A 65 -1.26 22.74 21.58
CA ASP A 65 -0.67 24.06 21.57
C ASP A 65 0.58 24.00 20.73
N LEU A 66 0.83 25.05 19.96
CA LEU A 66 1.97 25.06 19.04
C LEU A 66 2.72 26.38 19.11
N GLN A 67 4.02 26.32 18.83
CA GLN A 67 4.82 27.53 18.75
C GLN A 67 5.56 27.62 17.43
N PHE A 68 5.27 28.64 16.64
CA PHE A 68 6.02 28.89 15.43
C PHE A 68 6.83 30.17 15.59
N GLY A 69 8.12 30.01 15.84
CA GLY A 69 8.97 31.14 16.13
C GLY A 69 8.51 31.87 17.38
N THR A 70 8.01 33.09 17.21
CA THR A 70 7.55 33.89 18.34
C THR A 70 6.06 33.66 18.58
N LEU A 71 5.41 32.98 17.64
CA LEU A 71 3.95 32.79 17.69
C LEU A 71 3.53 31.50 18.40
N ARG A 72 2.72 31.66 19.45
CA ARG A 72 2.10 30.51 20.10
C ARG A 72 0.60 30.52 19.80
N VAL A 73 0.06 29.38 19.39
CA VAL A 73 -1.34 29.26 19.01
C VAL A 73 -2.03 28.05 19.64
N LYS A 74 -3.31 28.23 19.97
CA LYS A 74 -4.14 27.17 20.53
C LYS A 74 -4.94 26.57 19.39
N VAL A 75 -4.50 25.41 18.90
CA VAL A 75 -5.06 24.83 17.69
C VAL A 75 -5.85 23.59 18.08
N VAL A 76 -6.91 23.28 17.34
CA VAL A 76 -7.66 22.06 17.56
C VAL A 76 -6.99 20.91 16.83
N ASN A 77 -6.80 19.79 17.50
CA ASN A 77 -6.18 18.64 16.84
C ASN A 77 -7.25 17.66 16.41
N ASN A 78 -7.45 17.55 15.09
CA ASN A 78 -8.39 16.61 14.53
C ASN A 78 -7.84 15.69 13.44
N HIS A 79 -6.51 15.60 13.32
CA HIS A 79 -5.92 14.75 12.28
C HIS A 79 -5.80 13.36 12.91
N ASN A 80 -5.81 13.34 14.24
CA ASN A 80 -5.70 12.12 14.99
C ASN A 80 -6.93 11.23 14.74
N PRO A 81 -6.67 9.95 14.45
CA PRO A 81 -7.76 9.05 14.02
C PRO A 81 -8.94 9.09 14.97
N ARG A 82 -8.73 8.75 16.23
CA ARG A 82 -9.79 8.74 17.22
C ARG A 82 -10.42 10.14 17.37
N ASN A 83 -9.61 11.20 17.23
CA ASN A 83 -10.12 12.57 17.41
C ASN A 83 -10.88 13.07 16.18
N ARG A 84 -10.89 12.26 15.12
CA ARG A 84 -11.43 12.67 13.82
C ARG A 84 -12.92 13.11 13.79
N ASP A 85 -13.65 12.90 14.88
CA ASP A 85 -15.07 13.28 14.90
C ASP A 85 -15.41 14.30 15.99
N ASN A 86 -14.38 14.92 16.57
CA ASN A 86 -14.58 15.99 17.55
C ASN A 86 -15.17 17.26 16.94
N PRO A 87 -15.88 18.05 17.76
CA PRO A 87 -16.47 19.31 17.27
C PRO A 87 -15.39 20.40 17.15
N VAL A 88 -15.62 21.41 16.31
CA VAL A 88 -14.63 22.49 16.13
C VAL A 88 -15.29 23.87 16.18
N ALA A 89 -14.95 24.65 17.21
CA ALA A 89 -15.53 25.97 17.38
C ALA A 89 -15.13 26.87 16.22
N ASP A 90 -15.94 27.90 15.98
CA ASP A 90 -15.73 28.81 14.85
C ASP A 90 -14.72 29.91 15.18
N ASN A 91 -14.44 30.06 16.47
CA ASN A 91 -13.43 31.00 16.92
C ASN A 91 -12.19 30.19 17.23
N ALA A 92 -12.30 28.88 17.00
CA ALA A 92 -11.20 27.98 17.22
C ALA A 92 -10.38 27.96 15.95
N ILE A 93 -9.20 27.37 16.03
CA ILE A 93 -8.29 27.34 14.90
C ILE A 93 -7.82 25.92 14.67
N THR A 94 -7.95 25.45 13.44
CA THR A 94 -7.31 24.20 13.07
C THR A 94 -6.10 24.60 12.26
N LEU A 95 -5.16 23.67 12.13
CA LEU A 95 -3.94 23.92 11.40
C LEU A 95 -4.26 24.30 9.94
N HIS A 96 -5.36 23.78 9.41
CA HIS A 96 -5.83 24.15 8.07
C HIS A 96 -6.24 25.61 8.12
N ARG A 97 -7.09 25.91 9.11
CA ARG A 97 -7.58 27.26 9.32
C ARG A 97 -6.43 28.21 9.58
N LEU A 98 -5.44 27.75 10.34
CA LEU A 98 -4.28 28.57 10.65
C LEU A 98 -3.53 28.92 9.37
N SER A 99 -3.33 27.92 8.51
CA SER A 99 -2.64 28.13 7.25
C SER A 99 -3.38 29.16 6.39
N GLY A 100 -4.68 28.94 6.20
CA GLY A 100 -5.51 29.86 5.43
C GLY A 100 -5.44 31.28 5.99
N TYR A 101 -5.53 31.37 7.31
CA TYR A 101 -5.47 32.65 8.03
C TYR A 101 -4.16 33.39 7.78
N LEU A 102 -3.03 32.68 7.83
CA LEU A 102 -1.75 33.34 7.62
C LEU A 102 -1.57 33.72 6.15
N ALA A 103 -2.19 32.97 5.25
CA ALA A 103 -2.18 33.33 3.83
C ALA A 103 -2.90 34.65 3.63
N LYS A 104 -4.08 34.77 4.24
CA LYS A 104 -4.84 36.00 4.22
C LYS A 104 -4.03 37.13 4.84
N TRP A 105 -3.33 36.81 5.93
CA TRP A 105 -2.48 37.77 6.61
C TRP A 105 -1.44 38.34 5.66
N CYS A 106 -0.76 37.44 4.93
CA CYS A 106 0.23 37.84 3.94
C CYS A 106 -0.42 38.73 2.91
N PHE A 107 -1.63 38.35 2.47
CA PHE A 107 -2.34 39.10 1.44
C PHE A 107 -2.61 40.54 1.86
N ASP A 108 -2.98 40.73 3.13
CA ASP A 108 -3.22 42.09 3.64
C ASP A 108 -1.91 42.85 3.84
N GLU A 109 -0.93 42.16 4.41
CA GLU A 109 0.35 42.76 4.78
C GLU A 109 1.12 43.31 3.57
N ILE A 110 1.09 42.58 2.46
CA ILE A 110 1.70 43.07 1.22
C ILE A 110 1.17 44.45 0.81
N ASP A 111 -0.14 44.65 0.92
CA ASP A 111 -0.76 45.91 0.56
C ASP A 111 -0.43 47.04 1.53
N HIS A 112 0.01 46.70 2.74
CA HIS A 112 0.36 47.69 3.76
C HIS A 112 1.40 48.69 3.27
N GLY A 113 2.18 48.31 2.26
CA GLY A 113 3.21 49.20 1.74
C GLY A 113 4.28 48.46 0.97
N GLN A 114 5.35 49.18 0.64
CA GLN A 114 6.42 48.64 -0.18
C GLN A 114 7.36 47.78 0.65
N ILE A 115 7.69 48.28 1.83
CA ILE A 115 8.59 47.60 2.77
C ILE A 115 8.01 46.27 3.27
N GLU A 116 6.73 46.29 3.67
CA GLU A 116 6.04 45.09 4.13
C GLU A 116 5.93 44.06 3.00
N GLU A 117 5.63 44.55 1.80
CA GLU A 117 5.56 43.71 0.62
C GLU A 117 6.93 43.06 0.42
N ALA A 118 7.97 43.79 0.78
CA ALA A 118 9.31 43.29 0.58
C ALA A 118 9.62 42.22 1.62
N GLU A 119 9.22 42.44 2.86
CA GLU A 119 9.45 41.42 3.90
C GLU A 119 8.77 40.11 3.53
N VAL A 120 7.48 40.19 3.21
CA VAL A 120 6.72 38.99 2.89
C VAL A 120 7.26 38.30 1.63
N LYS A 121 7.38 39.04 0.54
CA LYS A 121 7.85 38.45 -0.71
C LYS A 121 9.26 37.87 -0.61
N SER A 122 10.12 38.49 0.19
CA SER A 122 11.50 38.03 0.29
C SER A 122 11.67 36.90 1.28
N LYS A 123 10.77 36.80 2.24
CA LYS A 123 10.88 35.72 3.23
C LYS A 123 9.94 34.54 2.98
N VAL A 124 8.65 34.82 2.85
CA VAL A 124 7.66 33.75 2.82
C VAL A 124 7.75 32.92 1.54
N VAL A 125 7.83 31.60 1.72
CA VAL A 125 7.86 30.64 0.63
C VAL A 125 6.86 29.54 0.91
N ILE A 126 6.02 29.21 -0.07
CA ILE A 126 5.03 28.16 0.08
C ILE A 126 5.42 26.97 -0.79
N PRO A 127 5.94 25.92 -0.15
CA PRO A 127 6.54 24.75 -0.80
C PRO A 127 5.64 24.18 -1.90
N LEU A 128 4.34 24.11 -1.66
CA LEU A 128 3.42 23.57 -2.64
C LEU A 128 3.39 24.40 -3.94
N ALA A 129 3.56 25.72 -3.82
CA ALA A 129 3.53 26.59 -4.98
C ALA A 129 4.80 26.39 -5.79
N GLU A 130 5.92 26.30 -5.08
CA GLU A 130 7.23 26.11 -5.69
C GLU A 130 7.27 24.78 -6.42
N ALA A 131 6.76 23.74 -5.75
CA ALA A 131 6.75 22.37 -6.27
C ALA A 131 6.08 22.27 -7.64
N LYS A 132 5.30 23.28 -7.99
CA LYS A 132 4.66 23.35 -9.29
C LYS A 132 5.31 24.45 -10.14
N GLY A 133 6.34 25.08 -9.59
CA GLY A 133 7.11 26.07 -10.32
C GLY A 133 6.50 27.46 -10.29
N CYS A 134 5.70 27.73 -9.26
CA CYS A 134 5.04 29.03 -9.09
C CYS A 134 5.92 29.90 -8.22
N LYS A 135 6.03 31.18 -8.58
CA LYS A 135 6.80 32.11 -7.79
C LYS A 135 5.99 33.37 -7.50
N TRP A 136 6.49 34.18 -6.58
CA TRP A 136 5.83 35.44 -6.23
C TRP A 136 5.61 36.30 -7.48
N GLY A 137 6.59 36.26 -8.38
CA GLY A 137 6.56 37.05 -9.62
C GLY A 137 5.37 36.71 -10.49
N ASP A 138 4.88 35.48 -10.36
CA ASP A 138 3.75 35.01 -11.16
C ASP A 138 2.47 35.74 -10.77
N GLY A 139 2.36 36.06 -9.47
CA GLY A 139 1.21 36.78 -8.94
C GLY A 139 1.16 36.65 -7.44
N VAL A 140 0.47 37.56 -6.76
CA VAL A 140 0.37 37.49 -5.30
C VAL A 140 -0.73 36.51 -4.93
N ALA A 141 -1.92 36.75 -5.47
CA ALA A 141 -3.08 35.90 -5.20
C ALA A 141 -2.78 34.46 -5.62
N LEU A 142 -2.21 34.32 -6.82
CA LEU A 142 -1.88 33.01 -7.35
C LEU A 142 -0.89 32.27 -6.46
N TYR A 143 0.20 32.93 -6.11
CA TYR A 143 1.24 32.26 -5.31
C TYR A 143 0.68 31.86 -3.97
N LEU A 144 -0.13 32.73 -3.38
CA LEU A 144 -0.69 32.46 -2.06
C LEU A 144 -1.79 31.41 -2.07
N ALA A 145 -2.37 31.19 -3.24
CA ALA A 145 -3.49 30.26 -3.37
C ALA A 145 -3.07 28.80 -3.15
N PHE A 146 -1.78 28.51 -3.23
CA PHE A 146 -1.29 27.14 -3.06
C PHE A 146 -1.26 26.73 -1.58
N ALA A 147 -1.46 27.71 -0.71
CA ALA A 147 -1.47 27.45 0.72
C ALA A 147 -2.78 26.76 1.08
N PRO A 148 -2.69 25.69 1.87
CA PRO A 148 -3.91 25.02 2.33
C PRO A 148 -4.75 26.00 3.14
N GLY A 149 -6.06 25.97 2.94
CA GLY A 149 -6.95 26.86 3.66
C GLY A 149 -7.25 28.12 2.87
N ALA A 150 -6.54 28.30 1.75
CA ALA A 150 -6.76 29.47 0.90
C ALA A 150 -8.15 29.41 0.28
N GLU A 151 -8.72 28.21 0.23
CA GLU A 151 -10.04 27.99 -0.35
C GLU A 151 -11.12 28.76 0.43
N MET A 152 -10.79 29.15 1.66
CA MET A 152 -11.68 29.95 2.50
C MET A 152 -11.82 31.39 2.00
N PHE A 153 -10.85 31.83 1.20
CA PHE A 153 -10.86 33.20 0.70
C PHE A 153 -10.78 33.24 -0.82
N LEU A 154 -11.80 32.69 -1.46
CA LEU A 154 -11.81 32.56 -2.92
C LEU A 154 -11.83 33.92 -3.58
N LYS A 155 -12.40 34.90 -2.89
CA LYS A 155 -12.55 36.23 -3.46
C LYS A 155 -11.19 36.87 -3.60
N ASP A 156 -10.48 36.93 -2.47
CA ASP A 156 -9.18 37.58 -2.39
C ASP A 156 -8.17 36.94 -3.32
N PHE A 157 -8.24 35.63 -3.44
CA PHE A 157 -7.27 34.89 -4.25
C PHE A 157 -7.81 34.66 -5.66
N GLU A 158 -8.86 35.40 -6.02
CA GLU A 158 -9.33 35.46 -7.40
C GLU A 158 -9.56 34.06 -7.98
N PHE A 159 -10.24 33.21 -7.22
CA PHE A 159 -10.61 31.85 -7.65
C PHE A 159 -9.44 30.91 -7.93
N TYR A 160 -8.24 31.31 -7.52
CA TYR A 160 -7.05 30.50 -7.77
C TYR A 160 -6.94 29.17 -7.00
N PRO A 161 -7.39 29.12 -5.73
CA PRO A 161 -7.34 27.80 -5.07
C PRO A 161 -8.21 26.78 -5.81
N LEU A 162 -9.34 27.25 -6.31
CA LEU A 162 -10.25 26.41 -7.08
C LEU A 162 -9.55 25.94 -8.35
N ALA A 163 -8.99 26.89 -9.08
CA ALA A 163 -8.32 26.57 -10.34
C ALA A 163 -7.19 25.58 -10.11
N ILE A 164 -6.39 25.81 -9.08
CA ILE A 164 -5.29 24.90 -8.75
C ILE A 164 -5.81 23.51 -8.44
N ASP A 165 -6.87 23.40 -7.63
CA ASP A 165 -7.44 22.09 -7.32
C ASP A 165 -7.94 21.34 -8.55
N ILE A 166 -8.69 22.04 -9.40
CA ILE A 166 -9.18 21.48 -10.65
C ILE A 166 -7.99 20.93 -11.39
N GLN A 167 -6.97 21.77 -11.49
CA GLN A 167 -5.75 21.43 -12.19
C GLN A 167 -5.04 20.23 -11.57
N ARG A 168 -5.15 20.06 -10.26
CA ARG A 168 -4.58 18.89 -9.61
C ARG A 168 -5.30 17.66 -10.08
N VAL A 169 -6.62 17.75 -10.21
CA VAL A 169 -7.41 16.63 -10.70
C VAL A 169 -7.08 16.29 -12.14
N VAL A 170 -7.00 17.31 -12.99
CA VAL A 170 -6.79 17.10 -14.42
C VAL A 170 -5.36 16.68 -14.76
N LYS A 171 -4.37 17.31 -14.13
CA LYS A 171 -2.96 17.04 -14.45
C LYS A 171 -2.32 15.97 -13.60
N ASP A 172 -2.72 15.87 -12.33
CA ASP A 172 -2.07 14.97 -11.39
C ASP A 172 -3.00 13.85 -10.93
N GLY A 173 -4.17 13.78 -11.55
CA GLY A 173 -5.13 12.73 -11.25
C GLY A 173 -5.46 12.64 -9.77
N MET A 174 -5.48 13.79 -9.11
CA MET A 174 -5.78 13.84 -7.69
C MET A 174 -7.19 13.30 -7.51
N ASP A 175 -7.42 12.54 -6.45
CA ASP A 175 -8.75 12.00 -6.21
C ASP A 175 -9.70 13.18 -6.05
N ILE A 176 -10.79 13.15 -6.81
CA ILE A 176 -11.68 14.30 -6.94
C ILE A 176 -12.30 14.73 -5.61
N THR A 177 -12.30 13.82 -4.64
CA THR A 177 -12.92 14.08 -3.33
C THR A 177 -12.30 15.29 -2.62
N PHE A 178 -11.03 15.56 -2.92
CA PHE A 178 -10.33 16.68 -2.29
C PHE A 178 -10.86 18.02 -2.76
N MET A 179 -11.77 18.00 -3.73
CA MET A 179 -12.35 19.23 -4.25
C MET A 179 -13.64 19.50 -3.49
N ARG A 180 -13.88 18.69 -2.49
CA ARG A 180 -15.08 18.85 -1.73
C ARG A 180 -15.09 20.26 -1.25
N LYS A 181 -14.58 20.51 -0.06
CA LYS A 181 -14.56 21.86 0.46
C LYS A 181 -14.77 22.83 -0.64
N VAL A 182 -13.67 23.10 -1.29
CA VAL A 182 -13.65 24.25 -2.15
C VAL A 182 -14.98 24.45 -2.76
N LEU A 183 -15.64 23.36 -3.11
CA LEU A 183 -16.90 23.46 -3.82
C LEU A 183 -18.06 23.80 -2.86
N LYS A 184 -17.72 24.04 -1.58
CA LYS A 184 -18.70 24.49 -0.59
C LYS A 184 -18.51 25.94 -0.27
N GLN A 185 -17.35 26.47 -0.65
CA GLN A 185 -16.94 27.81 -0.26
C GLN A 185 -17.63 28.94 -1.03
N ARG A 186 -17.57 30.18 -0.55
CA ARG A 186 -18.21 31.35 -1.15
C ARG A 186 -17.20 32.16 -1.92
N TYR A 187 -17.73 32.89 -2.77
CA TYR A 187 -16.93 33.89 -3.47
C TYR A 187 -17.44 35.25 -3.08
N GLY A 188 -16.87 35.81 -2.00
CA GLY A 188 -17.36 37.06 -1.46
C GLY A 188 -18.78 36.88 -0.95
N THR A 189 -19.74 37.42 -1.69
CA THR A 189 -21.15 37.26 -1.32
C THR A 189 -21.82 36.10 -2.06
N LYS A 190 -21.29 35.76 -3.23
CA LYS A 190 -21.91 34.73 -4.09
C LYS A 190 -21.83 33.35 -3.48
N THR A 191 -22.96 32.66 -3.49
CA THR A 191 -22.95 31.31 -2.98
C THR A 191 -22.34 30.40 -4.04
N ALA A 192 -21.96 29.18 -3.64
CA ALA A 192 -21.35 28.25 -4.58
C ALA A 192 -22.32 28.03 -5.71
N ASP A 193 -23.57 27.69 -5.36
CA ASP A 193 -24.63 27.47 -6.34
C ASP A 193 -24.68 28.66 -7.32
N ASP A 194 -24.44 29.86 -6.79
CA ASP A 194 -24.37 31.09 -7.56
C ASP A 194 -23.09 31.20 -8.39
N TRP A 195 -21.93 31.31 -7.73
CA TRP A 195 -20.71 31.62 -8.47
C TRP A 195 -20.26 30.54 -9.45
N MET A 196 -20.76 29.32 -9.25
CA MET A 196 -20.46 28.20 -10.13
C MET A 196 -21.03 28.42 -11.54
N ILE A 197 -22.00 29.33 -11.64
CA ILE A 197 -22.60 29.68 -12.92
C ILE A 197 -22.26 31.12 -13.29
N SER A 198 -22.27 32.00 -12.28
CA SER A 198 -22.06 33.43 -12.52
C SER A 198 -20.64 33.74 -12.98
N GLU A 199 -19.66 33.23 -12.24
CA GLU A 199 -18.28 33.67 -12.44
C GLU A 199 -17.46 32.76 -13.35
N VAL A 200 -18.15 31.90 -14.12
CA VAL A 200 -17.50 30.93 -14.99
C VAL A 200 -16.37 31.55 -15.82
N THR A 201 -16.59 32.78 -16.25
CA THR A 201 -15.59 33.51 -17.02
C THR A 201 -14.32 33.64 -16.18
N ALA A 202 -14.49 34.21 -14.99
CA ALA A 202 -13.39 34.39 -14.06
C ALA A 202 -12.73 33.06 -13.74
N ILE A 203 -13.56 32.03 -13.58
CA ILE A 203 -13.08 30.69 -13.27
C ILE A 203 -12.11 30.20 -14.31
N GLN A 204 -12.56 30.12 -15.56
CA GLN A 204 -11.73 29.68 -16.67
C GLN A 204 -10.50 30.55 -16.85
N SER A 205 -10.64 31.86 -16.65
CA SER A 205 -9.48 32.73 -16.73
C SER A 205 -8.42 32.28 -15.73
N ALA A 206 -8.86 32.03 -14.49
CA ALA A 206 -7.98 31.54 -13.43
C ALA A 206 -7.33 30.23 -13.84
N VAL A 207 -8.17 29.33 -14.33
CA VAL A 207 -7.78 28.00 -14.81
C VAL A 207 -6.67 28.09 -15.86
N LYS A 208 -6.87 28.98 -16.83
CA LYS A 208 -5.89 29.23 -17.89
C LYS A 208 -4.59 29.74 -17.29
N VAL A 209 -4.70 30.71 -16.39
CA VAL A 209 -3.51 31.27 -15.72
C VAL A 209 -2.69 30.15 -15.05
N VAL A 210 -3.37 29.27 -14.30
CA VAL A 210 -2.70 28.15 -13.63
C VAL A 210 -2.14 27.15 -14.64
N ALA A 211 -2.83 27.01 -15.76
CA ALA A 211 -2.39 26.10 -16.82
C ALA A 211 -1.06 26.57 -17.37
N LYS A 212 -0.91 27.89 -17.46
CA LYS A 212 0.30 28.50 -18.02
C LYS A 212 1.39 28.52 -16.95
N LEU A 213 1.75 27.32 -16.51
CA LEU A 213 2.72 27.12 -15.44
C LEU A 213 3.53 25.88 -15.82
N PRO A 214 4.75 25.76 -15.28
CA PRO A 214 5.58 24.59 -15.59
C PRO A 214 4.91 23.30 -15.16
N TRP A 215 4.58 23.23 -13.87
CA TRP A 215 3.87 22.12 -13.26
C TRP A 215 4.63 20.82 -13.48
N ALA A 216 5.88 20.80 -13.09
CA ALA A 216 6.71 19.61 -13.22
C ALA A 216 7.27 19.29 -11.86
N LYS A 217 7.62 18.04 -11.64
CA LYS A 217 7.96 17.59 -10.30
C LYS A 217 9.12 18.47 -9.86
N ALA A 218 9.21 18.80 -8.57
CA ALA A 218 10.19 19.81 -8.17
C ALA A 218 11.15 19.39 -7.06
N GLY A 219 12.26 18.78 -7.47
CA GLY A 219 12.23 17.98 -8.67
C GLY A 219 13.05 18.52 -9.82
N PHE A 220 12.36 18.68 -10.94
CA PHE A 220 12.98 18.85 -12.24
C PHE A 220 12.69 20.18 -12.87
N THR A 221 13.63 20.60 -13.70
CA THR A 221 13.53 21.82 -14.44
C THR A 221 13.89 21.41 -15.83
N ALA A 222 13.30 22.02 -16.84
CA ALA A 222 13.89 21.91 -18.16
C ALA A 222 15.17 22.72 -18.02
N ALA A 223 16.29 22.25 -18.52
CA ALA A 223 16.39 21.19 -19.51
C ALA A 223 15.87 19.82 -19.15
N ALA A 224 15.87 19.46 -17.87
CA ALA A 224 15.84 18.08 -17.47
C ALA A 224 14.65 17.37 -18.02
N LYS A 225 13.49 18.00 -17.97
CA LYS A 225 12.27 17.44 -18.51
C LYS A 225 12.52 17.11 -19.95
N ASN A 226 13.20 18.05 -20.59
CA ASN A 226 13.65 17.91 -21.95
C ASN A 226 14.69 16.82 -22.14
N PHE A 227 15.50 16.59 -21.12
CA PHE A 227 16.65 15.71 -21.20
C PHE A 227 16.09 14.32 -21.06
N LEU A 228 15.10 14.19 -20.19
CA LEU A 228 14.35 12.98 -20.03
C LEU A 228 13.51 12.69 -21.26
N ALA A 229 12.94 13.75 -21.81
CA ALA A 229 12.02 13.60 -22.91
C ALA A 229 12.72 12.84 -24.00
N LYS A 230 14.03 12.97 -24.02
CA LYS A 230 14.80 12.38 -25.08
C LYS A 230 14.91 10.88 -24.95
N PHE A 231 14.44 10.37 -23.83
CA PHE A 231 14.20 8.95 -23.58
C PHE A 231 12.80 8.59 -23.05
N ASN A 232 12.28 9.45 -22.17
CA ASN A 232 11.06 9.25 -21.37
C ASN A 232 10.44 10.53 -20.82
N ILE A 233 9.21 10.47 -20.28
CA ILE A 233 8.62 11.74 -19.81
C ILE A 233 9.14 12.23 -18.45
N ASP B 6 5.93 -24.32 21.17
CA ASP B 6 5.41 -23.81 22.43
C ASP B 6 5.16 -22.33 22.28
N PHE B 7 6.05 -21.67 21.56
CA PHE B 7 5.94 -20.24 21.42
C PHE B 7 4.66 -19.86 20.71
N ILE B 8 4.33 -20.58 19.65
CA ILE B 8 3.06 -20.38 18.96
C ILE B 8 2.39 -21.74 18.76
N TYR B 9 1.15 -21.88 19.18
CA TYR B 9 0.45 -23.13 18.99
C TYR B 9 -0.79 -22.99 18.13
N ASP B 10 -0.93 -23.82 17.10
CA ASP B 10 -2.10 -23.76 16.24
C ASP B 10 -2.98 -24.98 16.40
N ASP B 11 -4.24 -24.92 16.00
CA ASP B 11 -5.15 -26.02 16.27
C ASP B 11 -6.23 -26.11 15.21
N ARG B 12 -6.95 -27.22 15.12
CA ARG B 12 -7.80 -27.46 13.95
C ARG B 12 -9.28 -27.02 14.01
N PRO B 13 -9.72 -26.35 12.94
CA PRO B 13 -11.12 -26.14 12.65
C PRO B 13 -11.62 -27.22 11.73
N ALA B 14 -12.87 -27.60 11.92
CA ALA B 14 -13.44 -28.70 11.18
C ALA B 14 -14.31 -28.16 10.08
N ALA B 15 -14.62 -28.98 9.09
CA ALA B 15 -15.44 -28.52 7.99
C ALA B 15 -16.89 -28.46 8.39
N VAL B 16 -17.71 -27.73 7.66
CA VAL B 16 -19.14 -27.87 7.96
C VAL B 16 -19.99 -27.30 6.82
N SER B 17 -21.31 -27.54 6.83
CA SER B 17 -22.24 -26.81 5.97
C SER B 17 -23.05 -25.83 6.84
N SER B 18 -23.82 -24.94 6.24
CA SER B 18 -24.42 -23.83 6.98
C SER B 18 -25.90 -23.95 7.35
N THR B 19 -26.15 -23.87 8.65
CA THR B 19 -27.48 -24.04 9.25
C THR B 19 -28.08 -22.68 9.63
N PHE B 20 -27.68 -21.62 8.92
CA PHE B 20 -28.08 -20.28 9.29
C PHE B 20 -29.16 -19.68 8.40
N ASN B 21 -30.37 -19.61 8.94
CA ASN B 21 -31.49 -19.01 8.23
C ASN B 21 -31.79 -17.61 8.69
N PRO B 22 -31.49 -16.62 7.83
CA PRO B 22 -31.63 -15.19 8.10
C PRO B 22 -33.06 -14.86 8.54
N GLU B 23 -34.04 -15.58 8.01
CA GLU B 23 -35.43 -15.39 8.42
C GLU B 23 -35.58 -15.71 9.90
N LYS B 24 -35.07 -16.87 10.30
CA LYS B 24 -35.20 -17.33 11.69
C LYS B 24 -34.35 -16.45 12.61
N GLY B 25 -33.12 -16.15 12.20
CA GLY B 25 -32.26 -15.27 12.96
C GLY B 25 -32.93 -13.94 13.20
N TYR B 26 -33.60 -13.45 12.16
CA TYR B 26 -34.35 -12.20 12.23
C TYR B 26 -35.49 -12.30 13.23
N MET B 27 -36.28 -13.37 13.15
CA MET B 27 -37.41 -13.52 14.06
C MET B 27 -36.96 -13.61 15.53
N ASP B 28 -35.90 -14.39 15.79
CA ASP B 28 -35.39 -14.55 17.15
C ASP B 28 -34.87 -13.20 17.63
N PHE B 29 -34.25 -12.47 16.71
CA PHE B 29 -33.70 -11.16 17.02
C PHE B 29 -34.80 -10.17 17.42
N ILE B 30 -35.93 -10.24 16.71
CA ILE B 30 -37.05 -9.36 16.98
C ILE B 30 -37.68 -9.71 18.33
N THR B 31 -37.96 -11.00 18.53
CA THR B 31 -38.51 -11.48 19.80
C THR B 31 -37.64 -11.03 20.96
N ALA B 32 -36.33 -11.02 20.74
CA ALA B 32 -35.36 -10.70 21.79
C ALA B 32 -35.22 -9.20 22.05
N TYR B 33 -35.30 -8.38 21.00
CA TYR B 33 -34.99 -6.96 21.12
C TYR B 33 -36.13 -6.03 20.72
N GLY B 34 -37.24 -6.61 20.26
CA GLY B 34 -38.32 -5.85 19.64
C GLY B 34 -38.91 -4.69 20.41
N LYS B 35 -38.70 -4.64 21.73
CA LYS B 35 -39.23 -3.54 22.53
C LYS B 35 -38.37 -2.28 22.44
N ASN B 36 -37.07 -2.47 22.22
CA ASN B 36 -36.16 -1.31 22.17
C ASN B 36 -35.86 -0.84 20.75
N ILE B 37 -36.50 -1.47 19.77
CA ILE B 37 -36.33 -1.05 18.38
C ILE B 37 -37.37 -0.01 17.99
N ASN B 38 -36.88 1.14 17.56
CA ASN B 38 -37.74 2.15 16.99
C ASN B 38 -36.99 2.82 15.86
N ALA B 39 -37.73 3.56 15.04
CA ALA B 39 -37.18 4.19 13.87
C ALA B 39 -35.99 5.08 14.25
N ASP B 40 -36.03 5.60 15.47
CA ASP B 40 -34.96 6.44 15.98
C ASP B 40 -33.69 5.57 15.98
N ASN B 41 -33.71 4.41 16.62
CA ASN B 41 -32.52 3.54 16.69
C ASN B 41 -32.05 3.00 15.36
N VAL B 42 -33.00 2.69 14.49
CA VAL B 42 -32.67 2.17 13.18
C VAL B 42 -31.85 3.25 12.48
N ARG B 43 -32.32 4.49 12.61
CA ARG B 43 -31.64 5.69 12.10
C ARG B 43 -30.28 6.08 12.71
N ILE B 44 -30.10 5.94 14.02
CA ILE B 44 -28.79 6.22 14.64
C ILE B 44 -27.80 5.15 14.24
N PHE B 45 -28.25 3.90 14.24
CA PHE B 45 -27.42 2.80 13.77
C PHE B 45 -26.95 3.01 12.34
N PHE B 46 -27.91 3.15 11.43
CA PHE B 46 -27.57 3.33 10.02
C PHE B 46 -26.65 4.53 9.79
N LEU B 47 -26.66 5.47 10.73
CA LEU B 47 -25.71 6.57 10.70
C LEU B 47 -24.44 6.19 11.47
N ASN B 48 -24.55 5.18 12.32
CA ASN B 48 -23.42 4.76 13.16
C ASN B 48 -22.84 3.40 12.78
N HIS B 49 -23.13 2.93 11.56
CA HIS B 49 -22.59 1.63 11.15
C HIS B 49 -21.07 1.65 11.10
N LYS B 50 -20.50 2.50 10.25
CA LYS B 50 -19.04 2.54 10.11
C LYS B 50 -18.36 2.92 11.43
N LYS B 51 -18.94 3.88 12.14
CA LYS B 51 -18.38 4.30 13.42
C LYS B 51 -18.28 3.05 14.29
N ALA B 52 -19.36 2.28 14.37
CA ALA B 52 -19.37 1.01 15.10
C ALA B 52 -18.38 0.00 14.53
N LYS B 53 -18.09 0.13 13.23
CA LYS B 53 -17.18 -0.80 12.54
C LYS B 53 -15.78 -0.62 13.10
N ASP B 54 -15.32 0.63 13.10
CA ASP B 54 -14.02 0.93 13.68
C ASP B 54 -14.06 0.76 15.21
N SER B 55 -15.20 1.10 15.81
CA SER B 55 -15.36 1.01 17.26
C SER B 55 -15.17 -0.43 17.74
N LEU B 56 -15.60 -1.38 16.92
CA LEU B 56 -15.39 -2.78 17.20
C LEU B 56 -13.97 -3.17 16.79
N LYS B 57 -13.48 -2.53 15.74
CA LYS B 57 -12.15 -2.81 15.21
C LYS B 57 -11.05 -2.53 16.23
N GLY B 58 -11.21 -1.44 16.99
CA GLY B 58 -10.24 -1.04 17.98
C GLY B 58 -10.24 -1.96 19.19
N SER B 59 -11.43 -2.33 19.64
CA SER B 59 -11.58 -3.14 20.84
C SER B 59 -11.30 -4.60 20.57
N PRO B 60 -10.76 -5.31 21.58
CA PRO B 60 -10.42 -6.72 21.39
C PRO B 60 -11.38 -7.76 21.97
N LYS B 61 -12.47 -7.35 22.62
CA LYS B 61 -13.39 -8.33 23.21
C LYS B 61 -14.20 -9.03 22.11
N VAL B 62 -14.33 -10.35 22.22
CA VAL B 62 -14.98 -11.13 21.17
C VAL B 62 -16.49 -10.95 21.17
N GLU B 63 -17.05 -10.66 22.34
CA GLU B 63 -18.51 -10.57 22.45
C GLU B 63 -18.89 -9.28 23.14
N VAL B 64 -19.15 -8.26 22.32
CA VAL B 64 -19.44 -6.94 22.82
C VAL B 64 -20.93 -6.66 22.73
N ASP B 65 -21.45 -5.89 23.66
CA ASP B 65 -22.82 -5.39 23.60
C ASP B 65 -22.71 -3.90 23.36
N LEU B 66 -23.69 -3.36 22.64
CA LEU B 66 -23.68 -1.98 22.18
C LEU B 66 -25.00 -1.30 22.46
N GLN B 67 -24.96 0.02 22.54
CA GLN B 67 -26.18 0.79 22.70
C GLN B 67 -26.35 1.87 21.62
N PHE B 68 -27.42 1.75 20.84
CA PHE B 68 -27.84 2.78 19.90
C PHE B 68 -29.08 3.39 20.53
N GLY B 69 -28.98 4.56 21.15
CA GLY B 69 -30.15 5.17 21.78
C GLY B 69 -30.85 4.30 22.80
N THR B 70 -32.05 3.85 22.46
CA THR B 70 -32.81 3.00 23.37
C THR B 70 -32.52 1.53 23.06
N LEU B 71 -31.80 1.26 21.97
CA LEU B 71 -31.57 -0.14 21.56
C LEU B 71 -30.29 -0.74 22.16
N ARG B 72 -30.45 -1.89 22.82
CA ARG B 72 -29.33 -2.64 23.36
C ARG B 72 -29.12 -3.88 22.48
N VAL B 73 -27.89 -4.12 22.03
CA VAL B 73 -27.63 -5.28 21.16
C VAL B 73 -26.41 -6.11 21.57
N LYS B 74 -26.56 -7.42 21.59
CA LYS B 74 -25.46 -8.31 21.96
C LYS B 74 -24.84 -8.89 20.70
N VAL B 75 -23.71 -8.32 20.32
CA VAL B 75 -23.06 -8.61 19.05
C VAL B 75 -21.71 -9.34 19.21
N VAL B 76 -21.41 -10.20 18.23
CA VAL B 76 -20.13 -10.88 18.14
C VAL B 76 -19.16 -9.95 17.44
N ASN B 77 -17.96 -9.79 17.99
CA ASN B 77 -16.96 -8.94 17.37
C ASN B 77 -15.91 -9.76 16.63
N ASN B 78 -15.93 -9.66 15.31
CA ASN B 78 -14.92 -10.30 14.48
C ASN B 78 -14.23 -9.32 13.52
N HIS B 79 -14.28 -8.03 13.84
CA HIS B 79 -13.63 -7.04 13.00
C HIS B 79 -12.16 -6.98 13.37
N ASN B 80 -11.91 -7.32 14.63
CA ASN B 80 -10.60 -7.42 15.23
C ASN B 80 -9.86 -8.64 14.62
N PRO B 81 -8.60 -8.44 14.17
CA PRO B 81 -7.85 -9.39 13.32
C PRO B 81 -7.84 -10.85 13.77
N ARG B 82 -7.43 -11.09 15.01
CA ARG B 82 -7.33 -12.44 15.54
C ARG B 82 -8.66 -13.18 15.47
N ASN B 83 -9.73 -12.43 15.70
CA ASN B 83 -11.07 -12.98 15.80
C ASN B 83 -11.76 -13.31 14.49
N ARG B 84 -11.12 -12.99 13.36
CA ARG B 84 -11.73 -13.16 12.06
C ARG B 84 -12.11 -14.64 11.81
N ASP B 85 -11.61 -15.56 12.62
CA ASP B 85 -11.98 -16.94 12.37
C ASP B 85 -12.64 -17.55 13.58
N ASN B 86 -13.03 -16.73 14.55
CA ASN B 86 -13.79 -17.22 15.66
C ASN B 86 -15.20 -17.62 15.21
N PRO B 87 -15.84 -18.56 15.94
CA PRO B 87 -17.15 -19.04 15.53
C PRO B 87 -18.27 -18.05 15.83
N VAL B 88 -19.38 -18.18 15.10
CA VAL B 88 -20.53 -17.29 15.27
C VAL B 88 -21.83 -18.10 15.27
N ALA B 89 -22.53 -18.07 16.40
CA ALA B 89 -23.79 -18.81 16.57
C ALA B 89 -24.84 -18.31 15.59
N ASP B 90 -25.84 -19.15 15.34
CA ASP B 90 -26.92 -18.80 14.41
C ASP B 90 -27.94 -17.89 15.09
N ASN B 91 -27.83 -17.76 16.41
CA ASN B 91 -28.67 -16.82 17.15
C ASN B 91 -27.86 -15.56 17.49
N ALA B 92 -26.61 -15.54 17.03
CA ALA B 92 -25.74 -14.40 17.30
C ALA B 92 -25.96 -13.32 16.25
N ILE B 93 -25.44 -12.12 16.54
CA ILE B 93 -25.62 -10.98 15.65
C ILE B 93 -24.30 -10.27 15.40
N THR B 94 -23.97 -10.08 14.13
CA THR B 94 -22.85 -9.22 13.76
C THR B 94 -23.46 -7.94 13.25
N LEU B 95 -22.65 -6.88 13.14
CA LEU B 95 -23.16 -5.61 12.65
C LEU B 95 -23.76 -5.79 11.27
N HIS B 96 -23.19 -6.72 10.49
CA HIS B 96 -23.69 -7.00 9.16
C HIS B 96 -25.09 -7.59 9.29
N ARG B 97 -25.18 -8.63 10.11
CA ARG B 97 -26.46 -9.30 10.34
C ARG B 97 -27.48 -8.33 10.92
N LEU B 98 -27.03 -7.50 11.86
CA LEU B 98 -27.92 -6.53 12.49
C LEU B 98 -28.48 -5.56 11.45
N SER B 99 -27.58 -5.07 10.61
CA SER B 99 -27.90 -4.12 9.55
C SER B 99 -28.96 -4.70 8.64
N GLY B 100 -28.71 -5.93 8.17
CA GLY B 100 -29.66 -6.61 7.33
C GLY B 100 -31.01 -6.72 8.02
N TYR B 101 -30.98 -7.09 9.30
CA TYR B 101 -32.18 -7.31 10.10
C TYR B 101 -33.05 -6.05 10.22
N LEU B 102 -32.40 -4.93 10.51
CA LEU B 102 -33.12 -3.68 10.67
C LEU B 102 -33.63 -3.17 9.33
N ALA B 103 -32.89 -3.49 8.25
CA ALA B 103 -33.39 -3.19 6.91
C ALA B 103 -34.69 -3.96 6.66
N LYS B 104 -34.67 -5.24 7.03
CA LYS B 104 -35.85 -6.09 6.92
C LYS B 104 -37.01 -5.51 7.74
N TRP B 105 -36.69 -5.04 8.94
CA TRP B 105 -37.70 -4.43 9.79
C TRP B 105 -38.35 -3.25 9.11
N CYS B 106 -37.52 -2.39 8.50
CA CYS B 106 -38.04 -1.25 7.76
C CYS B 106 -38.97 -1.73 6.66
N PHE B 107 -38.56 -2.77 5.95
CA PHE B 107 -39.37 -3.32 4.84
C PHE B 107 -40.75 -3.85 5.25
N ASP B 108 -40.83 -4.57 6.39
CA ASP B 108 -42.11 -5.09 6.87
C ASP B 108 -42.98 -3.98 7.43
N GLU B 109 -42.33 -3.12 8.20
CA GLU B 109 -42.99 -2.03 8.88
C GLU B 109 -43.68 -1.16 7.83
N ILE B 110 -43.00 -0.95 6.70
CA ILE B 110 -43.60 -0.23 5.58
C ILE B 110 -44.94 -0.81 5.13
N ASP B 111 -44.98 -2.14 5.00
CA ASP B 111 -46.18 -2.84 4.56
C ASP B 111 -47.29 -2.89 5.60
N HIS B 112 -46.93 -2.72 6.87
CA HIS B 112 -47.91 -2.74 7.96
C HIS B 112 -49.05 -1.72 7.85
N GLY B 113 -48.83 -0.65 7.10
CA GLY B 113 -49.84 0.39 6.92
C GLY B 113 -49.24 1.71 6.46
N GLN B 114 -50.05 2.76 6.42
CA GLN B 114 -49.61 4.06 5.88
C GLN B 114 -48.88 4.96 6.90
N ILE B 115 -49.38 5.01 8.13
CA ILE B 115 -48.72 5.78 9.18
C ILE B 115 -47.36 5.14 9.35
N GLU B 116 -47.34 3.81 9.37
CA GLU B 116 -46.10 3.05 9.46
C GLU B 116 -45.27 3.35 8.21
N GLU B 117 -45.94 3.39 7.06
CA GLU B 117 -45.29 3.70 5.79
C GLU B 117 -44.63 5.08 5.81
N ALA B 118 -45.26 6.03 6.47
CA ALA B 118 -44.80 7.41 6.48
C ALA B 118 -43.66 7.73 7.45
N GLU B 119 -43.74 7.18 8.66
CA GLU B 119 -42.76 7.52 9.69
C GLU B 119 -41.33 7.20 9.32
N VAL B 120 -41.07 5.94 9.02
CA VAL B 120 -39.73 5.50 8.69
C VAL B 120 -39.23 6.18 7.38
N LYS B 121 -40.07 6.20 6.34
CA LYS B 121 -39.68 6.83 5.06
C LYS B 121 -39.26 8.28 5.27
N SER B 122 -39.91 8.94 6.21
CA SER B 122 -39.60 10.34 6.49
C SER B 122 -38.39 10.38 7.40
N LYS B 123 -38.17 9.30 8.14
CA LYS B 123 -37.02 9.29 9.04
C LYS B 123 -35.91 8.31 8.69
N VAL B 124 -36.05 7.58 7.58
CA VAL B 124 -35.00 6.66 7.17
C VAL B 124 -34.33 7.06 5.86
N VAL B 125 -33.02 7.25 5.95
CA VAL B 125 -32.13 7.49 4.83
C VAL B 125 -30.92 6.61 5.02
N ILE B 126 -30.41 6.02 3.95
CA ILE B 126 -29.23 5.16 4.06
C ILE B 126 -28.00 5.78 3.36
N PRO B 127 -26.99 6.10 4.16
CA PRO B 127 -25.80 6.80 3.69
C PRO B 127 -25.23 6.13 2.45
N LEU B 128 -25.18 4.80 2.44
CA LEU B 128 -24.65 4.09 1.29
C LEU B 128 -25.50 4.34 0.05
N ALA B 129 -26.80 4.48 0.26
CA ALA B 129 -27.74 4.73 -0.83
C ALA B 129 -27.58 6.18 -1.30
N GLU B 130 -27.38 7.07 -0.33
CA GLU B 130 -27.24 8.50 -0.58
C GLU B 130 -26.03 8.78 -1.44
N ALA B 131 -24.91 8.18 -1.04
CA ALA B 131 -23.62 8.38 -1.71
C ALA B 131 -23.70 8.06 -3.20
N LYS B 132 -24.75 7.34 -3.59
CA LYS B 132 -24.96 7.03 -5.00
C LYS B 132 -26.16 7.81 -5.50
N GLY B 133 -26.79 8.56 -4.60
CA GLY B 133 -27.88 9.44 -4.96
C GLY B 133 -29.23 8.76 -5.01
N CYS B 134 -29.39 7.64 -4.33
CA CYS B 134 -30.68 6.97 -4.30
C CYS B 134 -31.45 7.42 -3.07
N LYS B 135 -32.74 7.64 -3.26
CA LYS B 135 -33.65 7.96 -2.17
C LYS B 135 -34.90 7.11 -2.28
N TRP B 136 -35.73 7.17 -1.25
CA TRP B 136 -36.95 6.38 -1.18
C TRP B 136 -37.83 6.42 -2.42
N GLY B 137 -37.92 7.57 -3.07
CA GLY B 137 -38.79 7.71 -4.23
C GLY B 137 -38.43 6.78 -5.36
N ASP B 138 -37.15 6.40 -5.39
CA ASP B 138 -36.61 5.55 -6.43
C ASP B 138 -37.18 4.12 -6.36
N GLY B 139 -37.45 3.66 -5.14
CA GLY B 139 -38.05 2.36 -4.90
C GLY B 139 -37.84 1.95 -3.46
N VAL B 140 -38.69 1.07 -2.93
CA VAL B 140 -38.53 0.68 -1.54
C VAL B 140 -37.43 -0.37 -1.41
N ALA B 141 -37.60 -1.47 -2.15
CA ALA B 141 -36.64 -2.57 -2.16
C ALA B 141 -35.26 -2.05 -2.61
N LEU B 142 -35.26 -1.25 -3.67
CA LEU B 142 -34.03 -0.69 -4.20
C LEU B 142 -33.32 0.15 -3.14
N TYR B 143 -34.05 1.06 -2.51
CA TYR B 143 -33.45 1.94 -1.52
C TYR B 143 -32.90 1.20 -0.31
N LEU B 144 -33.63 0.21 0.19
CA LEU B 144 -33.18 -0.52 1.37
C LEU B 144 -32.08 -1.48 1.03
N ALA B 145 -31.96 -1.82 -0.26
CA ALA B 145 -30.96 -2.79 -0.70
C ALA B 145 -29.51 -2.29 -0.52
N PHE B 146 -29.33 -0.98 -0.32
CA PHE B 146 -27.97 -0.46 -0.13
C PHE B 146 -27.45 -0.80 1.27
N ALA B 147 -28.34 -1.20 2.16
CA ALA B 147 -27.91 -1.52 3.51
C ALA B 147 -27.15 -2.83 3.46
N PRO B 148 -25.99 -2.90 4.11
CA PRO B 148 -25.25 -4.16 4.19
C PRO B 148 -26.14 -5.18 4.88
N GLY B 149 -26.13 -6.42 4.42
CA GLY B 149 -26.97 -7.45 5.02
C GLY B 149 -28.28 -7.63 4.29
N ALA B 150 -28.55 -6.74 3.34
CA ALA B 150 -29.77 -6.84 2.55
C ALA B 150 -29.69 -8.09 1.67
N GLU B 151 -28.46 -8.54 1.43
CA GLU B 151 -28.21 -9.71 0.60
C GLU B 151 -28.81 -10.97 1.22
N MET B 152 -29.10 -10.92 2.52
CA MET B 152 -29.73 -12.04 3.21
C MET B 152 -31.23 -12.18 2.86
N PHE B 153 -31.82 -11.08 2.40
CA PHE B 153 -33.25 -11.05 2.08
C PHE B 153 -33.47 -10.61 0.64
N LEU B 154 -32.99 -11.43 -0.29
CA LEU B 154 -32.95 -11.07 -1.70
C LEU B 154 -34.32 -10.87 -2.37
N LYS B 155 -35.33 -11.61 -1.90
CA LYS B 155 -36.66 -11.61 -2.52
C LYS B 155 -37.36 -10.30 -2.22
N ASP B 156 -37.41 -9.98 -0.94
CA ASP B 156 -38.09 -8.79 -0.49
C ASP B 156 -37.45 -7.58 -1.17
N PHE B 157 -36.13 -7.66 -1.36
CA PHE B 157 -35.41 -6.58 -2.00
C PHE B 157 -35.23 -6.83 -3.50
N GLU B 158 -35.96 -7.80 -4.03
CA GLU B 158 -36.08 -8.01 -5.48
C GLU B 158 -34.75 -8.07 -6.23
N PHE B 159 -33.79 -8.84 -5.70
CA PHE B 159 -32.49 -9.01 -6.33
C PHE B 159 -31.69 -7.70 -6.45
N TYR B 160 -32.15 -6.65 -5.80
CA TYR B 160 -31.47 -5.35 -5.91
C TYR B 160 -30.09 -5.28 -5.24
N PRO B 161 -29.91 -5.91 -4.05
CA PRO B 161 -28.56 -5.86 -3.50
C PRO B 161 -27.51 -6.50 -4.43
N LEU B 162 -27.91 -7.59 -5.09
CA LEU B 162 -27.03 -8.25 -6.04
C LEU B 162 -26.70 -7.29 -7.18
N ALA B 163 -27.74 -6.70 -7.78
CA ALA B 163 -27.57 -5.79 -8.91
C ALA B 163 -26.67 -4.61 -8.53
N ILE B 164 -26.89 -4.05 -7.35
CA ILE B 164 -26.07 -2.94 -6.85
C ILE B 164 -24.61 -3.38 -6.73
N ASP B 165 -24.38 -4.57 -6.19
CA ASP B 165 -23.02 -5.10 -6.07
C ASP B 165 -22.37 -5.17 -7.46
N ILE B 166 -23.13 -5.69 -8.42
CA ILE B 166 -22.68 -5.77 -9.81
C ILE B 166 -22.28 -4.38 -10.34
N GLN B 167 -23.15 -3.39 -10.14
CA GLN B 167 -22.86 -2.03 -10.58
C GLN B 167 -21.63 -1.48 -9.90
N ARG B 168 -21.40 -1.87 -8.66
CA ARG B 168 -20.20 -1.48 -7.93
C ARG B 168 -18.98 -2.06 -8.62
N VAL B 169 -19.11 -3.30 -9.08
CA VAL B 169 -18.00 -3.93 -9.80
C VAL B 169 -17.71 -3.24 -11.12
N VAL B 170 -18.74 -2.96 -11.91
CA VAL B 170 -18.51 -2.37 -13.24
C VAL B 170 -18.12 -0.89 -13.22
N LYS B 171 -18.81 -0.08 -12.42
CA LYS B 171 -18.56 1.36 -12.39
C LYS B 171 -17.57 1.80 -11.33
N ASP B 172 -17.49 1.07 -10.22
CA ASP B 172 -16.65 1.53 -9.12
C ASP B 172 -15.46 0.61 -9.00
N GLY B 173 -15.33 -0.32 -9.96
CA GLY B 173 -14.21 -1.24 -10.02
C GLY B 173 -14.00 -1.97 -8.71
N MET B 174 -15.09 -2.26 -8.02
CA MET B 174 -15.03 -2.94 -6.74
C MET B 174 -14.42 -4.32 -6.96
N ASP B 175 -13.57 -4.75 -6.04
CA ASP B 175 -12.94 -6.07 -6.15
C ASP B 175 -14.00 -7.15 -6.09
N ILE B 176 -13.91 -8.11 -7.01
CA ILE B 176 -14.95 -9.10 -7.23
C ILE B 176 -15.26 -9.98 -5.99
N THR B 177 -14.30 -10.10 -5.07
CA THR B 177 -14.47 -10.96 -3.90
C THR B 177 -15.67 -10.55 -3.05
N PHE B 178 -16.01 -9.27 -3.08
CA PHE B 178 -17.09 -8.78 -2.25
C PHE B 178 -18.45 -9.29 -2.72
N MET B 179 -18.43 -10.02 -3.83
CA MET B 179 -19.65 -10.63 -4.33
C MET B 179 -19.72 -12.08 -3.83
N ARG B 180 -18.68 -12.55 -3.16
CA ARG B 180 -18.69 -13.90 -2.61
C ARG B 180 -19.91 -14.18 -1.74
N LYS B 181 -20.10 -13.35 -0.72
CA LYS B 181 -21.23 -13.52 0.19
C LYS B 181 -22.58 -13.61 -0.52
N VAL B 182 -22.86 -12.64 -1.40
CA VAL B 182 -24.17 -12.58 -2.04
C VAL B 182 -24.41 -13.77 -2.97
N LEU B 183 -23.33 -14.34 -3.49
CA LEU B 183 -23.43 -15.45 -4.42
C LEU B 183 -23.62 -16.80 -3.72
N LYS B 184 -23.71 -16.78 -2.40
CA LYS B 184 -24.00 -17.98 -1.67
C LYS B 184 -25.46 -17.93 -1.25
N GLN B 185 -26.00 -16.71 -1.25
CA GLN B 185 -27.32 -16.45 -0.68
C GLN B 185 -28.41 -17.04 -1.54
N ARG B 186 -29.58 -17.25 -0.93
CA ARG B 186 -30.66 -17.92 -1.63
C ARG B 186 -31.66 -16.93 -2.19
N TYR B 187 -32.38 -17.38 -3.21
CA TYR B 187 -33.53 -16.62 -3.68
C TYR B 187 -34.78 -17.47 -3.39
N GLY B 188 -35.36 -17.24 -2.22
CA GLY B 188 -36.52 -17.97 -1.73
C GLY B 188 -36.26 -19.42 -1.41
N THR B 189 -36.76 -20.29 -2.27
CA THR B 189 -36.57 -21.72 -2.10
C THR B 189 -35.34 -22.13 -2.90
N LYS B 190 -35.06 -21.35 -3.96
CA LYS B 190 -33.98 -21.65 -4.87
C LYS B 190 -32.60 -21.43 -4.23
N THR B 191 -31.73 -22.43 -4.38
CA THR B 191 -30.36 -22.33 -3.91
C THR B 191 -29.59 -21.46 -4.89
N ALA B 192 -28.37 -21.06 -4.51
CA ALA B 192 -27.59 -20.17 -5.35
C ALA B 192 -27.43 -20.79 -6.73
N ASP B 193 -26.96 -22.03 -6.75
CA ASP B 193 -26.76 -22.80 -7.96
C ASP B 193 -27.99 -22.81 -8.88
N ASP B 194 -29.18 -22.84 -8.28
CA ASP B 194 -30.40 -22.85 -9.07
C ASP B 194 -30.64 -21.47 -9.69
N TRP B 195 -30.82 -20.45 -8.84
CA TRP B 195 -31.21 -19.13 -9.34
C TRP B 195 -30.14 -18.44 -10.20
N MET B 196 -28.89 -18.91 -10.12
CA MET B 196 -27.80 -18.35 -10.91
C MET B 196 -27.98 -18.59 -12.39
N ILE B 197 -28.81 -19.56 -12.73
CA ILE B 197 -29.11 -19.83 -14.13
C ILE B 197 -30.60 -19.59 -14.38
N SER B 198 -31.44 -19.96 -13.41
CA SER B 198 -32.88 -19.86 -13.58
C SER B 198 -33.37 -18.42 -13.67
N GLU B 199 -32.94 -17.60 -12.72
CA GLU B 199 -33.53 -16.29 -12.53
C GLU B 199 -32.80 -15.10 -13.20
N VAL B 200 -31.93 -15.39 -14.17
CA VAL B 200 -31.14 -14.35 -14.84
C VAL B 200 -31.96 -13.13 -15.30
N THR B 201 -33.21 -13.35 -15.74
CA THR B 201 -34.07 -12.26 -16.20
C THR B 201 -34.34 -11.19 -15.15
N ALA B 202 -34.86 -11.61 -14.00
CA ALA B 202 -35.18 -10.69 -12.91
C ALA B 202 -33.94 -9.89 -12.52
N ILE B 203 -32.80 -10.58 -12.49
CA ILE B 203 -31.50 -9.99 -12.19
C ILE B 203 -31.16 -8.89 -13.19
N GLN B 204 -31.23 -9.20 -14.48
CA GLN B 204 -30.93 -8.21 -15.52
C GLN B 204 -31.86 -6.99 -15.40
N SER B 205 -33.13 -7.24 -15.13
CA SER B 205 -34.10 -6.17 -14.93
C SER B 205 -33.63 -5.28 -13.78
N ALA B 206 -33.22 -5.93 -12.70
CA ALA B 206 -32.70 -5.25 -11.52
C ALA B 206 -31.53 -4.36 -11.89
N VAL B 207 -30.58 -4.93 -12.65
CA VAL B 207 -29.40 -4.21 -13.12
C VAL B 207 -29.81 -2.94 -13.88
N LYS B 208 -30.74 -3.08 -14.80
CA LYS B 208 -31.30 -1.94 -15.52
C LYS B 208 -31.81 -0.90 -14.53
N VAL B 209 -32.71 -1.30 -13.65
CA VAL B 209 -33.30 -0.40 -12.67
C VAL B 209 -32.21 0.41 -11.95
N VAL B 210 -31.19 -0.28 -11.46
CA VAL B 210 -30.10 0.36 -10.73
C VAL B 210 -29.29 1.29 -11.63
N ALA B 211 -29.19 0.94 -12.91
CA ALA B 211 -28.42 1.73 -13.87
C ALA B 211 -28.97 3.14 -14.02
N LYS B 212 -30.29 3.26 -13.99
CA LYS B 212 -30.97 4.55 -14.15
C LYS B 212 -30.97 5.30 -12.83
N LEU B 213 -29.78 5.64 -12.38
CA LEU B 213 -29.57 6.30 -11.10
C LEU B 213 -28.41 7.30 -11.25
N PRO B 214 -28.36 8.34 -10.39
CA PRO B 214 -27.27 9.32 -10.51
C PRO B 214 -25.89 8.70 -10.35
N TRP B 215 -25.68 7.92 -9.30
CA TRP B 215 -24.37 7.34 -9.04
C TRP B 215 -23.30 8.41 -8.84
N ALA B 216 -23.66 9.42 -8.07
CA ALA B 216 -22.77 10.54 -7.76
C ALA B 216 -21.63 10.08 -6.88
N LYS B 217 -20.53 10.82 -6.86
CA LYS B 217 -19.34 10.34 -6.17
C LYS B 217 -19.37 10.58 -4.68
N ALA B 218 -20.29 9.91 -4.01
CA ALA B 218 -20.21 9.74 -2.57
C ALA B 218 -20.03 11.04 -1.77
N GLY B 219 -20.82 12.06 -2.06
CA GLY B 219 -21.58 12.20 -3.28
C GLY B 219 -21.63 13.68 -3.51
N PHE B 220 -21.65 14.13 -4.76
CA PHE B 220 -21.66 15.56 -5.05
C PHE B 220 -23.03 16.10 -5.41
N THR B 221 -23.42 17.12 -4.66
CA THR B 221 -24.73 17.69 -4.77
C THR B 221 -24.77 18.23 -6.16
N ALA B 222 -25.97 18.28 -6.74
CA ALA B 222 -26.20 18.17 -8.15
C ALA B 222 -25.42 19.23 -8.86
N ALA B 223 -25.01 20.26 -8.13
CA ALA B 223 -24.17 21.27 -8.71
C ALA B 223 -22.93 20.56 -9.22
N ALA B 224 -22.50 19.55 -8.48
CA ALA B 224 -21.50 18.59 -8.93
C ALA B 224 -22.23 17.26 -9.19
N LYS B 225 -21.97 16.58 -10.29
CA LYS B 225 -20.78 16.72 -11.12
C LYS B 225 -21.07 17.34 -12.47
N ASN B 226 -21.98 18.32 -12.48
CA ASN B 226 -22.35 19.00 -13.71
C ASN B 226 -21.42 20.18 -14.00
N PHE B 227 -20.52 20.48 -13.06
CA PHE B 227 -19.64 21.64 -13.20
C PHE B 227 -18.26 21.16 -13.53
N LEU B 228 -18.04 19.91 -13.17
CA LEU B 228 -16.77 19.26 -13.28
C LEU B 228 -16.75 18.64 -14.69
N ALA B 229 -17.87 18.78 -15.37
CA ALA B 229 -17.98 18.38 -16.77
C ALA B 229 -18.09 19.65 -17.60
N LYS B 230 -17.43 20.69 -17.09
CA LYS B 230 -17.11 21.85 -17.90
C LYS B 230 -15.61 21.91 -18.15
N PHE B 231 -14.88 21.09 -17.40
CA PHE B 231 -13.44 21.13 -17.35
C PHE B 231 -12.67 19.89 -17.83
N ASN B 232 -13.34 19.00 -18.56
CA ASN B 232 -12.72 17.73 -18.90
C ASN B 232 -12.60 17.46 -20.40
N ASP C 6 26.08 3.63 19.57
CA ASP C 6 26.35 4.21 18.28
C ASP C 6 26.75 3.12 17.32
N PHE C 7 27.63 2.26 17.84
CA PHE C 7 28.15 1.14 17.12
C PHE C 7 27.08 0.27 16.47
N ILE C 8 27.40 -0.12 15.25
CA ILE C 8 26.67 -1.06 14.46
C ILE C 8 27.85 -1.87 14.01
N TYR C 9 27.58 -3.03 13.46
CA TYR C 9 28.42 -4.22 13.58
C TYR C 9 28.36 -5.02 12.30
N ASP C 10 29.39 -5.01 11.48
CA ASP C 10 29.25 -5.59 10.14
C ASP C 10 30.44 -6.43 9.70
N ASP C 11 30.19 -7.48 8.93
CA ASP C 11 31.27 -8.32 8.44
C ASP C 11 30.77 -9.17 7.27
N ARG C 12 31.64 -9.99 6.70
CA ARG C 12 31.39 -10.65 5.42
C ARG C 12 30.69 -12.00 5.48
N PRO C 13 29.63 -12.15 4.70
CA PRO C 13 29.10 -13.48 4.41
C PRO C 13 29.73 -14.00 3.13
N ALA C 14 29.97 -15.31 3.02
CA ALA C 14 30.69 -15.82 1.87
C ALA C 14 29.86 -16.77 1.01
N ALA C 15 30.39 -17.12 -0.16
CA ALA C 15 29.64 -17.89 -1.15
C ALA C 15 30.02 -19.36 -1.10
N VAL C 16 29.03 -20.21 -1.35
CA VAL C 16 29.21 -21.67 -1.38
C VAL C 16 28.13 -22.29 -2.25
N SER C 17 28.19 -23.62 -2.41
CA SER C 17 27.18 -24.37 -3.16
C SER C 17 26.22 -25.06 -2.18
N SER C 18 25.16 -25.66 -2.70
CA SER C 18 24.09 -26.18 -1.83
C SER C 18 24.15 -27.69 -1.57
N THR C 19 24.32 -28.03 -0.30
CA THR C 19 24.49 -29.40 0.17
C THR C 19 23.20 -29.94 0.82
N PHE C 20 22.06 -29.43 0.38
CA PHE C 20 20.76 -29.76 0.99
C PHE C 20 19.92 -30.75 0.19
N ASN C 21 19.83 -32.00 0.64
CA ASN C 21 19.02 -33.00 -0.07
C ASN C 21 17.66 -33.23 0.60
N PRO C 22 16.60 -32.76 -0.08
CA PRO C 22 15.21 -32.81 0.39
C PRO C 22 14.80 -34.23 0.74
N GLU C 23 15.30 -35.21 -0.01
CA GLU C 23 15.01 -36.61 0.28
C GLU C 23 15.47 -36.97 1.69
N LYS C 24 16.75 -36.70 1.95
CA LYS C 24 17.32 -37.03 3.25
C LYS C 24 16.74 -36.14 4.32
N GLY C 25 16.65 -34.85 4.06
CA GLY C 25 16.12 -33.90 5.03
C GLY C 25 14.77 -34.37 5.50
N TYR C 26 14.00 -34.88 4.54
CA TYR C 26 12.71 -35.48 4.82
C TYR C 26 12.90 -36.68 5.72
N MET C 27 13.87 -37.55 5.40
CA MET C 27 14.07 -38.77 6.19
C MET C 27 14.41 -38.48 7.67
N ASP C 28 15.28 -37.49 7.92
CA ASP C 28 15.59 -37.10 9.28
C ASP C 28 14.36 -36.48 9.92
N PHE C 29 13.58 -35.75 9.14
CA PHE C 29 12.36 -35.16 9.68
C PHE C 29 11.38 -36.23 10.15
N ILE C 30 11.28 -37.31 9.38
CA ILE C 30 10.40 -38.41 9.72
C ILE C 30 10.95 -39.15 10.94
N THR C 31 12.24 -39.46 10.91
CA THR C 31 12.92 -40.13 12.03
C THR C 31 12.73 -39.36 13.33
N ALA C 32 12.78 -38.03 13.23
CA ALA C 32 12.71 -37.16 14.39
C ALA C 32 11.30 -36.90 14.90
N TYR C 33 10.34 -36.77 13.99
CA TYR C 33 9.00 -36.30 14.36
C TYR C 33 7.89 -37.30 14.01
N GLY C 34 8.27 -38.40 13.37
CA GLY C 34 7.31 -39.34 12.80
C GLY C 34 6.22 -39.93 13.67
N LYS C 35 6.38 -39.89 14.99
CA LYS C 35 5.40 -40.52 15.87
C LYS C 35 4.14 -39.67 15.99
N ASN C 36 4.29 -38.36 15.89
CA ASN C 36 3.15 -37.47 15.98
C ASN C 36 2.64 -36.95 14.62
N ILE C 37 3.18 -37.51 13.54
CA ILE C 37 2.67 -37.17 12.21
C ILE C 37 1.52 -38.12 11.83
N ASN C 38 0.34 -37.54 11.66
CA ASN C 38 -0.84 -38.26 11.21
C ASN C 38 -1.71 -37.32 10.38
N ALA C 39 -2.73 -37.85 9.72
CA ALA C 39 -3.56 -37.03 8.83
C ALA C 39 -4.20 -35.84 9.54
N ASP C 40 -4.53 -36.01 10.83
CA ASP C 40 -5.13 -34.94 11.62
C ASP C 40 -4.21 -33.74 11.73
N ASN C 41 -3.03 -33.97 12.31
CA ASN C 41 -2.08 -32.91 12.56
C ASN C 41 -1.58 -32.28 11.27
N VAL C 42 -1.44 -33.11 10.22
CA VAL C 42 -1.03 -32.64 8.90
C VAL C 42 -2.09 -31.67 8.36
N ARG C 43 -3.34 -32.08 8.53
CA ARG C 43 -4.48 -31.25 8.11
C ARG C 43 -4.47 -29.91 8.86
N ILE C 44 -4.24 -29.96 10.18
CA ILE C 44 -4.15 -28.76 11.02
C ILE C 44 -3.04 -27.86 10.50
N PHE C 45 -1.92 -28.45 10.11
CA PHE C 45 -0.82 -27.68 9.53
C PHE C 45 -1.26 -26.96 8.26
N PHE C 46 -1.70 -27.74 7.28
CA PHE C 46 -2.10 -27.21 5.98
C PHE C 46 -3.19 -26.13 6.06
N LEU C 47 -3.96 -26.12 7.14
CA LEU C 47 -4.93 -25.04 7.31
C LEU C 47 -4.37 -23.83 8.05
N ASN C 48 -3.29 -24.04 8.78
CA ASN C 48 -2.72 -22.98 9.61
C ASN C 48 -1.35 -22.50 9.13
N HIS C 49 -1.05 -22.75 7.86
CA HIS C 49 0.23 -22.37 7.28
C HIS C 49 0.37 -20.84 7.33
N LYS C 50 -0.59 -20.14 6.74
CA LYS C 50 -0.60 -18.68 6.66
C LYS C 50 -0.57 -17.99 8.03
N LYS C 51 -1.41 -18.45 8.94
CA LYS C 51 -1.47 -17.89 10.28
C LYS C 51 -0.11 -17.97 10.96
N ALA C 52 0.47 -19.17 10.94
CA ALA C 52 1.78 -19.42 11.51
C ALA C 52 2.85 -18.58 10.82
N LYS C 53 2.62 -18.27 9.55
CA LYS C 53 3.55 -17.51 8.73
C LYS C 53 3.59 -16.07 9.26
N ASP C 54 2.41 -15.50 9.48
CA ASP C 54 2.32 -14.16 10.04
C ASP C 54 2.86 -14.12 11.46
N SER C 55 2.56 -15.17 12.24
CA SER C 55 3.04 -15.25 13.62
C SER C 55 4.58 -15.30 13.67
N LEU C 56 5.19 -15.89 12.63
CA LEU C 56 6.64 -15.94 12.54
C LEU C 56 7.16 -14.57 12.10
N LYS C 57 6.38 -13.92 11.25
CA LYS C 57 6.75 -12.60 10.76
C LYS C 57 6.83 -11.61 11.92
N GLY C 58 5.92 -11.76 12.87
CA GLY C 58 5.86 -10.87 14.02
C GLY C 58 7.02 -11.03 15.00
N SER C 59 7.38 -12.26 15.29
CA SER C 59 8.43 -12.53 16.27
C SER C 59 9.81 -12.40 15.62
N PRO C 60 10.79 -11.93 16.40
CA PRO C 60 12.18 -11.79 15.94
C PRO C 60 13.02 -12.95 16.45
N LYS C 61 12.41 -13.88 17.13
CA LYS C 61 13.14 -15.02 17.64
C LYS C 61 13.65 -15.77 16.45
N VAL C 62 14.87 -16.28 16.55
CA VAL C 62 15.50 -16.93 15.41
C VAL C 62 15.05 -18.38 15.23
N GLU C 63 14.73 -19.05 16.33
CA GLU C 63 14.33 -20.43 16.27
C GLU C 63 13.13 -20.64 17.17
N VAL C 64 11.96 -20.63 16.52
CA VAL C 64 10.67 -20.67 17.19
C VAL C 64 10.12 -22.09 17.22
N ASP C 65 9.35 -22.44 18.24
CA ASP C 65 8.73 -23.76 18.23
C ASP C 65 7.23 -23.61 18.05
N LEU C 66 6.63 -24.55 17.35
CA LEU C 66 5.20 -24.47 17.06
C LEU C 66 4.52 -25.80 17.30
N GLN C 67 3.22 -25.73 17.61
CA GLN C 67 2.43 -26.92 17.83
C GLN C 67 1.19 -26.93 16.94
N PHE C 68 1.11 -27.94 16.07
CA PHE C 68 -0.05 -28.13 15.24
C PHE C 68 -0.76 -29.39 15.73
N GLY C 69 -1.86 -29.18 16.46
CA GLY C 69 -2.54 -30.26 17.14
C GLY C 69 -1.60 -30.89 18.14
N THR C 70 -1.23 -32.15 17.89
CA THR C 70 -0.31 -32.86 18.78
C THR C 70 1.14 -32.75 18.30
N LEU C 71 1.35 -32.23 17.09
CA LEU C 71 2.69 -32.17 16.51
C LEU C 71 3.46 -30.90 16.86
N ARG C 72 4.63 -31.06 17.49
CA ARG C 72 5.50 -29.93 17.76
C ARG C 72 6.72 -29.97 16.87
N VAL C 73 7.05 -28.83 16.28
CA VAL C 73 8.18 -28.74 15.36
C VAL C 73 9.02 -27.54 15.74
N LYS C 74 10.34 -27.69 15.62
CA LYS C 74 11.29 -26.64 15.92
C LYS C 74 11.67 -25.99 14.60
N VAL C 75 11.13 -24.81 14.37
CA VAL C 75 11.26 -24.17 13.07
C VAL C 75 12.23 -23.00 13.12
N VAL C 76 12.95 -22.80 12.02
CA VAL C 76 13.84 -21.67 11.84
C VAL C 76 13.01 -20.50 11.36
N ASN C 77 13.20 -19.33 11.97
CA ASN C 77 12.44 -18.14 11.58
C ASN C 77 13.29 -17.24 10.69
N ASN C 78 12.91 -17.14 9.41
CA ASN C 78 13.56 -16.21 8.50
C ASN C 78 12.53 -15.31 7.82
N HIS C 79 11.35 -15.22 8.43
CA HIS C 79 10.28 -14.37 7.93
C HIS C 79 10.35 -12.98 8.52
N ASN C 80 10.96 -12.90 9.71
CA ASN C 80 11.24 -11.64 10.35
C ASN C 80 12.28 -11.00 9.44
N PRO C 81 12.10 -9.71 9.10
CA PRO C 81 12.92 -9.06 8.07
C PRO C 81 14.43 -9.26 8.23
N ARG C 82 14.99 -8.88 9.38
CA ARG C 82 16.42 -9.03 9.64
C ARG C 82 16.86 -10.49 9.50
N ASN C 83 15.96 -11.39 9.88
CA ASN C 83 16.29 -12.82 9.92
C ASN C 83 16.33 -13.51 8.56
N ARG C 84 15.96 -12.78 7.52
CA ARG C 84 15.90 -13.30 6.15
C ARG C 84 17.26 -13.83 5.65
N ASP C 85 18.32 -13.57 6.41
CA ASP C 85 19.66 -14.00 6.02
C ASP C 85 20.34 -14.93 7.04
N ASN C 86 19.58 -15.44 8.01
CA ASN C 86 20.17 -16.39 8.94
C ASN C 86 20.53 -17.68 8.21
N PRO C 87 21.53 -18.41 8.72
CA PRO C 87 21.90 -19.65 8.03
C PRO C 87 20.87 -20.71 8.35
N VAL C 88 20.75 -21.71 7.50
CA VAL C 88 19.76 -22.76 7.71
C VAL C 88 20.38 -24.14 7.51
N ALA C 89 20.44 -24.90 8.60
CA ALA C 89 21.02 -26.24 8.54
C ALA C 89 20.19 -27.12 7.62
N ASP C 90 20.81 -28.17 7.11
CA ASP C 90 20.17 -29.08 6.17
C ASP C 90 19.30 -30.06 6.95
N ASN C 91 19.51 -30.08 8.26
CA ASN C 91 18.69 -30.84 9.18
C ASN C 91 17.73 -29.92 9.92
N ALA C 92 17.76 -28.63 9.57
CA ALA C 92 16.87 -27.64 10.16
C ALA C 92 15.56 -27.60 9.37
N ILE C 93 14.54 -26.94 9.93
CA ILE C 93 13.24 -26.90 9.29
C ILE C 93 12.64 -25.50 9.23
N THR C 94 12.29 -25.03 8.03
CA THR C 94 11.46 -23.83 7.91
C THR C 94 10.07 -24.28 7.49
N LEU C 95 9.08 -23.40 7.60
CA LEU C 95 7.71 -23.76 7.24
C LEU C 95 7.60 -24.23 5.81
N HIS C 96 8.42 -23.67 4.93
CA HIS C 96 8.37 -24.07 3.53
C HIS C 96 8.78 -25.53 3.45
N ARG C 97 9.92 -25.83 4.05
CA ARG C 97 10.44 -27.19 4.10
C ARG C 97 9.45 -28.12 4.81
N LEU C 98 8.83 -27.63 5.88
CA LEU C 98 7.88 -28.44 6.63
C LEU C 98 6.70 -28.82 5.74
N SER C 99 6.21 -27.84 4.98
CA SER C 99 5.10 -28.06 4.05
C SER C 99 5.48 -29.09 3.01
N GLY C 100 6.61 -28.89 2.34
CA GLY C 100 7.06 -29.86 1.35
C GLY C 100 7.18 -31.27 1.95
N TYR C 101 7.77 -31.34 3.13
CA TYR C 101 7.95 -32.61 3.83
C TYR C 101 6.62 -33.31 4.08
N LEU C 102 5.62 -32.57 4.57
CA LEU C 102 4.32 -33.15 4.86
C LEU C 102 3.54 -33.49 3.58
N ALA C 103 3.82 -32.74 2.51
CA ALA C 103 3.22 -33.05 1.20
C ALA C 103 3.72 -34.42 0.77
N LYS C 104 5.04 -34.60 0.86
CA LYS C 104 5.67 -35.88 0.57
C LYS C 104 5.13 -36.98 1.49
N TRP C 105 4.93 -36.65 2.77
CA TRP C 105 4.41 -37.60 3.74
C TRP C 105 3.05 -38.14 3.34
N CYS C 106 2.15 -37.22 2.97
CA CYS C 106 0.82 -37.58 2.49
C CYS C 106 0.99 -38.47 1.28
N PHE C 107 1.91 -38.08 0.39
CA PHE C 107 2.16 -38.82 -0.84
C PHE C 107 2.56 -40.27 -0.59
N ASP C 108 3.43 -40.50 0.37
CA ASP C 108 3.85 -41.86 0.69
C ASP C 108 2.76 -42.63 1.43
N GLU C 109 2.14 -41.97 2.39
CA GLU C 109 1.14 -42.58 3.25
C GLU C 109 -0.05 -43.09 2.45
N ILE C 110 -0.45 -42.34 1.42
CA ILE C 110 -1.47 -42.83 0.51
C ILE C 110 -1.14 -44.21 -0.08
N ASP C 111 0.11 -44.40 -0.48
CA ASP C 111 0.53 -45.69 -1.02
C ASP C 111 0.66 -46.77 0.06
N HIS C 112 0.77 -46.38 1.33
CA HIS C 112 0.85 -47.34 2.43
C HIS C 112 -0.34 -48.30 2.47
N GLY C 113 -1.46 -47.89 1.88
CA GLY C 113 -2.65 -48.74 1.88
C GLY C 113 -3.96 -48.00 1.63
N GLN C 114 -5.07 -48.70 1.85
CA GLN C 114 -6.40 -48.18 1.54
C GLN C 114 -6.99 -47.30 2.64
N ILE C 115 -6.83 -47.74 3.90
CA ILE C 115 -7.31 -46.97 5.04
C ILE C 115 -6.61 -45.63 5.08
N GLU C 116 -5.29 -45.69 4.91
CA GLU C 116 -4.44 -44.51 4.91
C GLU C 116 -4.80 -43.57 3.76
N GLU C 117 -5.03 -44.13 2.57
CA GLU C 117 -5.44 -43.33 1.43
C GLU C 117 -6.75 -42.60 1.72
N ALA C 118 -7.64 -43.27 2.43
CA ALA C 118 -8.95 -42.69 2.68
C ALA C 118 -8.82 -41.62 3.75
N GLU C 119 -8.00 -41.91 4.75
CA GLU C 119 -7.75 -41.01 5.87
C GLU C 119 -7.19 -39.68 5.36
N VAL C 120 -6.13 -39.77 4.55
CA VAL C 120 -5.52 -38.57 4.00
C VAL C 120 -6.48 -37.85 3.06
N LYS C 121 -7.04 -38.57 2.09
CA LYS C 121 -7.96 -37.95 1.12
C LYS C 121 -9.19 -37.29 1.74
N SER C 122 -9.70 -37.89 2.80
CA SER C 122 -10.91 -37.40 3.45
C SER C 122 -10.58 -36.30 4.44
N LYS C 123 -9.34 -36.27 4.93
CA LYS C 123 -8.99 -35.23 5.87
C LYS C 123 -8.19 -34.07 5.26
N VAL C 124 -7.06 -34.37 4.62
CA VAL C 124 -6.11 -33.31 4.26
C VAL C 124 -6.67 -32.32 3.24
N VAL C 125 -6.51 -31.04 3.54
CA VAL C 125 -7.02 -29.97 2.67
C VAL C 125 -5.92 -28.99 2.32
N ILE C 126 -5.81 -28.69 1.02
CA ILE C 126 -4.82 -27.75 0.54
C ILE C 126 -5.50 -26.50 -0.01
N PRO C 127 -5.45 -25.41 0.77
CA PRO C 127 -6.10 -24.13 0.46
C PRO C 127 -5.74 -23.63 -0.94
N LEU C 128 -4.46 -23.77 -1.28
CA LEU C 128 -3.98 -23.31 -2.58
C LEU C 128 -4.59 -24.09 -3.75
N ALA C 129 -4.84 -25.38 -3.56
CA ALA C 129 -5.41 -26.21 -4.61
C ALA C 129 -6.88 -25.90 -4.80
N GLU C 130 -7.59 -25.76 -3.69
CA GLU C 130 -9.01 -25.45 -3.73
C GLU C 130 -9.22 -24.10 -4.36
N ALA C 131 -8.39 -23.13 -3.95
CA ALA C 131 -8.49 -21.76 -4.44
C ALA C 131 -8.43 -21.71 -5.96
N LYS C 132 -7.95 -22.79 -6.56
CA LYS C 132 -7.90 -22.90 -8.01
C LYS C 132 -8.89 -23.93 -8.53
N GLY C 133 -9.62 -24.54 -7.61
CA GLY C 133 -10.65 -25.49 -7.97
C GLY C 133 -10.12 -26.89 -8.17
N CYS C 134 -8.98 -27.22 -7.56
CA CYS C 134 -8.48 -28.58 -7.65
C CYS C 134 -8.91 -29.38 -6.43
N LYS C 135 -9.28 -30.64 -6.64
CA LYS C 135 -9.64 -31.53 -5.55
C LYS C 135 -8.87 -32.85 -5.69
N TRP C 136 -8.91 -33.67 -4.64
CA TRP C 136 -8.24 -34.97 -4.64
C TRP C 136 -8.61 -35.82 -5.87
N GLY C 137 -9.86 -35.70 -6.31
CA GLY C 137 -10.36 -36.45 -7.45
C GLY C 137 -9.59 -36.16 -8.73
N ASP C 138 -9.02 -34.95 -8.81
CA ASP C 138 -8.27 -34.51 -9.98
C ASP C 138 -6.98 -35.30 -10.12
N GLY C 139 -6.38 -35.65 -8.98
CA GLY C 139 -5.18 -36.44 -8.94
C GLY C 139 -4.50 -36.28 -7.60
N VAL C 140 -3.64 -37.20 -7.21
CA VAL C 140 -2.91 -37.08 -5.95
C VAL C 140 -1.70 -36.14 -6.18
N ALA C 141 -0.88 -36.43 -7.18
CA ALA C 141 0.30 -35.61 -7.46
C ALA C 141 -0.11 -34.16 -7.72
N LEU C 142 -1.12 -33.98 -8.56
CA LEU C 142 -1.61 -32.65 -8.90
C LEU C 142 -2.12 -31.88 -7.69
N TYR C 143 -2.99 -32.52 -6.92
CA TYR C 143 -3.61 -31.85 -5.77
C TYR C 143 -2.56 -31.50 -4.74
N LEU C 144 -1.61 -32.41 -4.52
CA LEU C 144 -0.58 -32.14 -3.52
C LEU C 144 0.46 -31.14 -4.01
N ALA C 145 0.58 -30.99 -5.32
CA ALA C 145 1.60 -30.12 -5.91
C ALA C 145 1.36 -28.64 -5.59
N PHE C 146 0.13 -28.33 -5.17
CA PHE C 146 -0.23 -26.96 -4.84
C PHE C 146 0.37 -26.60 -3.50
N ALA C 147 0.84 -27.61 -2.76
CA ALA C 147 1.43 -27.38 -1.44
C ALA C 147 2.79 -26.74 -1.63
N PRO C 148 3.07 -25.68 -0.85
CA PRO C 148 4.39 -25.05 -0.91
C PRO C 148 5.46 -26.07 -0.54
N GLY C 149 6.61 -26.04 -1.21
CA GLY C 149 7.69 -26.96 -0.90
C GLY C 149 7.66 -28.17 -1.79
N ALA C 150 6.59 -28.32 -2.58
CA ALA C 150 6.41 -29.46 -3.47
C ALA C 150 7.48 -29.45 -4.56
N GLU C 151 8.04 -28.27 -4.80
CA GLU C 151 9.08 -28.10 -5.80
C GLU C 151 10.34 -28.88 -5.43
N MET C 152 10.48 -29.20 -4.15
CA MET C 152 11.63 -29.99 -3.70
C MET C 152 11.50 -31.44 -4.15
N PHE C 153 10.28 -31.85 -4.47
CA PHE C 153 10.05 -33.22 -4.91
C PHE C 153 9.37 -33.27 -6.28
N LEU C 154 10.07 -32.80 -7.31
CA LEU C 154 9.48 -32.67 -8.64
C LEU C 154 9.08 -34.03 -9.22
N LYS C 155 9.78 -35.09 -8.83
CA LYS C 155 9.51 -36.40 -9.38
C LYS C 155 8.18 -36.98 -8.87
N ASP C 156 8.07 -37.06 -7.54
CA ASP C 156 6.88 -37.64 -6.91
C ASP C 156 5.63 -36.85 -7.29
N PHE C 157 5.77 -35.54 -7.40
CA PHE C 157 4.63 -34.70 -7.73
C PHE C 157 4.53 -34.51 -9.24
N GLU C 158 5.30 -35.35 -9.95
CA GLU C 158 5.19 -35.49 -11.39
C GLU C 158 5.27 -34.16 -12.14
N PHE C 159 6.24 -33.33 -11.72
CA PHE C 159 6.54 -32.04 -12.33
C PHE C 159 5.40 -31.02 -12.27
N TYR C 160 4.37 -31.32 -11.49
CA TYR C 160 3.20 -30.44 -11.42
C TYR C 160 3.38 -29.06 -10.77
N PRO C 161 4.17 -28.95 -9.68
CA PRO C 161 4.32 -27.61 -9.10
C PRO C 161 4.88 -26.61 -10.12
N LEU C 162 5.76 -27.08 -11.00
CA LEU C 162 6.29 -26.24 -12.06
C LEU C 162 5.15 -25.76 -12.96
N ALA C 163 4.35 -26.73 -13.43
CA ALA C 163 3.24 -26.43 -14.33
C ALA C 163 2.30 -25.42 -13.70
N ILE C 164 1.99 -25.62 -12.41
CA ILE C 164 1.15 -24.71 -11.67
C ILE C 164 1.77 -23.31 -11.65
N ASP C 165 3.07 -23.22 -11.38
CA ASP C 165 3.73 -21.91 -11.33
C ASP C 165 3.60 -21.18 -12.67
N ILE C 166 3.88 -21.89 -13.76
CA ILE C 166 3.73 -21.39 -15.13
C ILE C 166 2.31 -20.89 -15.37
N GLN C 167 1.34 -21.71 -15.01
CA GLN C 167 -0.06 -21.37 -15.20
C GLN C 167 -0.39 -20.08 -14.42
N ARG C 168 0.24 -19.94 -13.26
CA ARG C 168 0.12 -18.76 -12.42
C ARG C 168 0.71 -17.49 -13.07
N VAL C 169 1.89 -17.60 -13.69
CA VAL C 169 2.46 -16.43 -14.36
C VAL C 169 1.63 -16.03 -15.57
N VAL C 170 1.21 -17.01 -16.37
CA VAL C 170 0.50 -16.66 -17.61
C VAL C 170 -0.89 -16.04 -17.36
N LYS C 171 -1.71 -16.64 -16.48
CA LYS C 171 -3.06 -16.03 -16.28
C LYS C 171 -3.19 -15.11 -15.04
N ASP C 172 -2.34 -15.26 -14.03
CA ASP C 172 -2.51 -14.47 -12.82
C ASP C 172 -1.41 -13.43 -12.79
N GLY C 173 -0.65 -13.39 -13.88
CA GLY C 173 0.40 -12.39 -14.04
C GLY C 173 1.36 -12.39 -12.88
N MET C 174 1.65 -13.57 -12.34
CA MET C 174 2.55 -13.72 -11.22
C MET C 174 3.95 -13.20 -11.54
N ASP C 175 4.59 -12.54 -10.57
CA ASP C 175 5.95 -12.08 -10.77
C ASP C 175 6.81 -13.32 -10.98
N ILE C 176 7.56 -13.33 -12.07
CA ILE C 176 8.30 -14.53 -12.48
C ILE C 176 9.37 -14.94 -11.48
N THR C 177 9.75 -14.05 -10.59
CA THR C 177 10.93 -14.30 -9.76
C THR C 177 10.76 -15.54 -8.92
N PHE C 178 9.51 -15.89 -8.66
CA PHE C 178 9.17 -17.00 -7.81
C PHE C 178 9.62 -18.33 -8.38
N MET C 179 9.84 -18.37 -9.67
CA MET C 179 10.23 -19.59 -10.31
C MET C 179 11.69 -19.87 -10.08
N ARG C 180 12.35 -18.97 -9.34
CA ARG C 180 13.79 -19.07 -9.11
C ARG C 180 14.15 -20.35 -8.37
N LYS C 181 13.43 -20.66 -7.31
CA LYS C 181 13.57 -21.88 -6.51
C LYS C 181 13.29 -23.12 -7.35
N VAL C 182 12.13 -23.13 -8.00
CA VAL C 182 11.66 -24.29 -8.74
C VAL C 182 12.53 -24.63 -9.94
N LEU C 183 13.19 -23.61 -10.51
CA LEU C 183 13.96 -23.83 -11.72
C LEU C 183 15.37 -24.38 -11.48
N LYS C 184 15.73 -24.58 -10.22
CA LYS C 184 17.01 -25.18 -9.86
C LYS C 184 16.75 -26.56 -9.28
N GLN C 185 15.48 -26.87 -9.05
CA GLN C 185 15.16 -28.09 -8.34
C GLN C 185 15.42 -29.31 -9.22
N ARG C 186 15.57 -30.46 -8.57
CA ARG C 186 15.97 -31.67 -9.26
C ARG C 186 14.79 -32.54 -9.64
N TYR C 187 15.05 -33.40 -10.62
CA TYR C 187 14.14 -34.43 -11.04
C TYR C 187 14.69 -35.77 -10.60
N GLY C 188 14.34 -36.16 -9.38
CA GLY C 188 14.93 -37.35 -8.78
C GLY C 188 16.41 -37.03 -8.65
N THR C 189 17.20 -37.68 -9.50
CA THR C 189 18.63 -37.41 -9.57
C THR C 189 19.00 -36.49 -10.75
N LYS C 190 18.15 -36.44 -11.77
CA LYS C 190 18.45 -35.67 -12.99
C LYS C 190 18.52 -34.19 -12.63
N THR C 191 19.58 -33.51 -13.07
CA THR C 191 19.77 -32.11 -12.73
C THR C 191 18.85 -31.15 -13.45
N ALA C 192 18.78 -29.92 -12.95
CA ALA C 192 17.87 -28.93 -13.50
C ALA C 192 18.20 -28.74 -14.97
N ASP C 193 19.45 -28.37 -15.25
CA ASP C 193 19.93 -28.18 -16.62
C ASP C 193 19.62 -29.38 -17.53
N ASP C 194 19.68 -30.59 -16.96
CA ASP C 194 19.41 -31.82 -17.69
C ASP C 194 17.91 -31.98 -18.00
N TRP C 195 17.09 -32.07 -16.96
CA TRP C 195 15.66 -32.34 -17.17
C TRP C 195 14.99 -31.17 -17.89
N MET C 196 15.66 -30.00 -17.91
CA MET C 196 15.09 -28.80 -18.52
C MET C 196 15.05 -28.86 -20.05
N ILE C 197 15.64 -29.91 -20.63
CA ILE C 197 15.46 -30.22 -22.05
C ILE C 197 15.02 -31.67 -22.19
N SER C 198 15.53 -32.53 -21.29
CA SER C 198 15.29 -33.97 -21.41
C SER C 198 13.82 -34.38 -21.32
N GLU C 199 13.13 -33.92 -20.28
CA GLU C 199 11.79 -34.40 -19.96
C GLU C 199 10.67 -33.52 -20.52
N VAL C 200 10.99 -32.68 -21.50
CA VAL C 200 10.07 -31.67 -22.05
C VAL C 200 8.64 -32.20 -22.28
N THR C 201 8.53 -33.46 -22.68
CA THR C 201 7.25 -34.13 -22.90
C THR C 201 6.40 -34.16 -21.63
N ALA C 202 6.97 -34.70 -20.55
CA ALA C 202 6.27 -34.82 -19.27
C ALA C 202 5.79 -33.47 -18.76
N ILE C 203 6.64 -32.46 -18.91
CA ILE C 203 6.30 -31.10 -18.50
C ILE C 203 5.08 -30.64 -19.25
N GLN C 204 5.14 -30.76 -20.58
CA GLN C 204 4.04 -30.34 -21.44
C GLN C 204 2.72 -31.03 -21.08
N SER C 205 2.80 -32.33 -20.79
CA SER C 205 1.63 -33.08 -20.34
C SER C 205 1.06 -32.47 -19.06
N ALA C 206 1.94 -32.19 -18.11
CA ALA C 206 1.54 -31.58 -16.84
C ALA C 206 0.84 -30.24 -17.04
N VAL C 207 1.46 -29.37 -17.83
CA VAL C 207 0.91 -28.05 -18.16
C VAL C 207 -0.50 -28.19 -18.74
N LYS C 208 -0.64 -29.15 -19.65
CA LYS C 208 -1.95 -29.44 -20.26
C LYS C 208 -2.97 -29.84 -19.20
N VAL C 209 -2.58 -30.75 -18.31
CA VAL C 209 -3.46 -31.18 -17.21
C VAL C 209 -3.93 -29.99 -16.36
N VAL C 210 -2.99 -29.15 -15.94
CA VAL C 210 -3.31 -28.00 -15.09
C VAL C 210 -4.18 -26.99 -15.84
N ALA C 211 -4.00 -26.98 -17.15
CA ALA C 211 -4.63 -26.04 -18.05
C ALA C 211 -6.12 -26.20 -18.03
N LYS C 212 -6.57 -27.45 -17.99
CA LYS C 212 -7.98 -27.74 -17.92
C LYS C 212 -8.37 -27.84 -16.45
N LEU C 213 -8.80 -26.73 -15.90
CA LEU C 213 -9.29 -26.69 -14.54
C LEU C 213 -10.10 -25.42 -14.47
N PRO C 214 -10.97 -25.29 -13.49
CA PRO C 214 -11.79 -24.09 -13.48
C PRO C 214 -10.94 -22.85 -13.34
N TRP C 215 -10.14 -22.86 -12.31
CA TRP C 215 -9.22 -21.80 -12.00
C TRP C 215 -9.94 -20.49 -11.82
N ALA C 216 -10.96 -20.47 -10.99
CA ALA C 216 -11.57 -19.21 -10.63
C ALA C 216 -10.89 -18.73 -9.35
N LYS C 217 -11.31 -17.59 -8.86
CA LYS C 217 -10.84 -17.14 -7.57
C LYS C 217 -11.42 -18.15 -6.59
N ALA C 218 -10.79 -18.33 -5.44
CA ALA C 218 -11.16 -19.40 -4.54
C ALA C 218 -12.60 -19.29 -4.05
N GLY C 219 -13.06 -18.08 -3.79
CA GLY C 219 -14.37 -17.90 -3.17
C GLY C 219 -15.51 -18.45 -3.98
N PHE C 220 -15.46 -18.29 -5.30
CA PHE C 220 -16.46 -18.87 -6.19
C PHE C 220 -15.83 -19.56 -7.40
N THR C 221 -16.54 -20.49 -7.96
CA THR C 221 -16.03 -21.21 -9.11
C THR C 221 -17.25 -21.43 -9.97
N ALA C 222 -17.05 -21.73 -11.24
CA ALA C 222 -18.16 -21.77 -12.18
C ALA C 222 -19.10 -22.81 -11.65
N ALA C 223 -20.40 -22.56 -11.74
CA ALA C 223 -20.98 -21.59 -12.66
C ALA C 223 -21.15 -20.25 -12.04
N ALA C 224 -20.55 -20.04 -10.88
CA ALA C 224 -20.50 -18.71 -10.33
C ALA C 224 -19.73 -17.88 -11.35
N LYS C 225 -18.67 -18.46 -11.88
CA LYS C 225 -17.89 -17.84 -12.93
C LYS C 225 -18.68 -17.64 -14.19
N ASN C 226 -19.54 -18.57 -14.53
CA ASN C 226 -20.31 -18.46 -15.76
C ASN C 226 -21.45 -17.43 -15.73
N PHE C 227 -21.78 -16.97 -14.54
CA PHE C 227 -22.90 -16.11 -14.20
C PHE C 227 -22.48 -14.66 -14.19
N LEU C 228 -21.25 -14.45 -13.78
CA LEU C 228 -20.56 -13.18 -13.92
C LEU C 228 -20.33 -12.94 -15.39
N ALA C 229 -20.06 -13.99 -16.11
CA ALA C 229 -19.69 -13.88 -17.51
C ALA C 229 -20.82 -13.19 -18.23
N LYS C 230 -22.02 -13.38 -17.72
CA LYS C 230 -23.21 -12.82 -18.30
C LYS C 230 -23.17 -11.32 -18.26
N PHE C 231 -22.38 -10.78 -17.33
CA PHE C 231 -22.15 -9.34 -17.28
C PHE C 231 -20.69 -8.92 -17.43
N ASN C 232 -19.86 -9.38 -16.50
CA ASN C 232 -18.44 -9.10 -16.46
C ASN C 232 -17.61 -10.34 -16.27
N ILE C 233 -16.62 -10.58 -17.11
CA ILE C 233 -15.77 -11.73 -16.86
C ILE C 233 -15.35 -11.70 -15.39
N ASP D 6 5.70 24.93 22.99
CA ASP D 6 5.46 24.41 24.33
C ASP D 6 5.23 22.91 24.31
N PHE D 7 4.37 22.47 23.37
CA PHE D 7 4.04 21.04 23.11
C PHE D 7 4.91 20.39 22.02
N ILE D 8 5.01 21.07 20.89
CA ILE D 8 6.09 21.00 19.91
C ILE D 8 6.23 22.40 19.35
N TYR D 9 7.46 22.86 19.16
CA TYR D 9 7.66 24.07 18.36
C TYR D 9 8.53 23.86 17.14
N ASP D 10 8.59 24.90 16.29
CA ASP D 10 9.28 24.84 14.97
C ASP D 10 10.13 26.08 14.62
N ASP D 11 11.15 25.92 13.79
CA ASP D 11 12.05 27.03 13.44
C ASP D 11 12.70 26.98 12.06
N ARG D 12 13.17 28.13 11.59
CA ARG D 12 13.60 28.34 10.21
C ARG D 12 14.86 27.62 9.71
N PRO D 13 14.87 27.23 8.43
CA PRO D 13 16.15 27.00 7.77
C PRO D 13 16.25 27.79 6.45
N ALA D 14 17.40 28.36 6.13
CA ALA D 14 17.52 29.08 4.85
C ALA D 14 18.68 28.62 3.99
N ALA D 15 18.45 28.32 2.71
CA ALA D 15 19.56 27.85 1.86
C ALA D 15 19.48 28.13 0.36
N VAL D 16 20.64 28.30 -0.28
CA VAL D 16 20.75 28.46 -1.73
C VAL D 16 21.73 27.56 -2.48
N SER D 17 22.85 27.22 -1.83
CA SER D 17 24.02 26.72 -2.55
C SER D 17 24.77 25.53 -1.95
N SER D 18 25.51 24.83 -2.80
CA SER D 18 26.36 23.74 -2.36
C SER D 18 27.85 23.88 -2.67
N THR D 19 28.61 23.83 -1.60
CA THR D 19 30.04 24.04 -1.60
C THR D 19 30.71 22.68 -1.57
N PHE D 20 29.94 21.64 -1.84
CA PHE D 20 30.36 20.25 -1.68
C PHE D 20 30.92 19.64 -2.98
N ASN D 21 32.24 19.50 -3.01
CA ASN D 21 32.93 18.88 -4.13
C ASN D 21 33.32 17.45 -3.78
N PRO D 22 32.71 16.47 -4.46
CA PRO D 22 32.93 15.04 -4.20
C PRO D 22 34.42 14.69 -4.32
N GLU D 23 35.13 15.36 -5.21
CA GLU D 23 36.58 15.15 -5.35
C GLU D 23 37.29 15.47 -4.04
N LYS D 24 37.01 16.66 -3.53
CA LYS D 24 37.66 17.13 -2.32
C LYS D 24 37.25 16.27 -1.13
N GLY D 25 35.94 15.97 -1.04
CA GLY D 25 35.42 15.11 0.01
C GLY D 25 36.08 13.75 0.02
N TYR D 26 36.26 13.18 -1.16
CA TYR D 26 36.93 11.91 -1.34
C TYR D 26 38.38 11.98 -0.90
N MET D 27 39.08 13.03 -1.33
CA MET D 27 40.49 13.17 -0.98
C MET D 27 40.66 13.28 0.53
N ASP D 28 39.81 14.06 1.17
CA ASP D 28 39.86 14.24 2.62
C ASP D 28 39.55 12.91 3.28
N PHE D 29 38.61 12.17 2.70
CA PHE D 29 38.20 10.88 3.22
C PHE D 29 39.36 9.89 3.18
N ILE D 30 40.15 9.93 2.10
CA ILE D 30 41.31 9.08 1.94
C ILE D 30 42.37 9.47 2.96
N THR D 31 42.64 10.78 3.07
CA THR D 31 43.59 11.29 4.04
C THR D 31 43.26 10.81 5.46
N ALA D 32 41.97 10.79 5.77
CA ALA D 32 41.53 10.47 7.12
C ALA D 32 41.45 8.98 7.42
N TYR D 33 41.01 8.18 6.46
CA TYR D 33 40.70 6.77 6.72
C TYR D 33 41.49 5.80 5.83
N GLY D 34 42.29 6.33 4.91
CA GLY D 34 42.94 5.53 3.89
C GLY D 34 43.78 4.33 4.30
N LYS D 35 44.21 4.30 5.55
CA LYS D 35 45.04 3.20 6.04
C LYS D 35 44.22 1.95 6.33
N ASN D 36 42.94 2.14 6.65
CA ASN D 36 42.06 1.03 6.97
C ASN D 36 41.22 0.58 5.78
N ILE D 37 41.45 1.17 4.60
CA ILE D 37 40.69 0.77 3.42
C ILE D 37 41.39 -0.34 2.64
N ASN D 38 40.71 -1.47 2.52
CA ASN D 38 41.18 -2.58 1.71
C ASN D 38 40.01 -3.29 1.06
N ALA D 39 40.28 -4.16 0.10
CA ALA D 39 39.22 -4.83 -0.64
C ALA D 39 38.29 -5.60 0.29
N ASP D 40 38.85 -6.13 1.38
CA ASP D 40 38.07 -6.87 2.37
C ASP D 40 36.99 -5.98 2.99
N ASN D 41 37.43 -4.86 3.57
CA ASN D 41 36.52 -3.94 4.26
C ASN D 41 35.52 -3.30 3.30
N VAL D 42 35.99 -2.96 2.10
CA VAL D 42 35.18 -2.34 1.06
C VAL D 42 34.06 -3.27 0.64
N ARG D 43 34.45 -4.52 0.47
CA ARG D 43 33.60 -5.63 0.09
C ARG D 43 32.53 -5.95 1.12
N ILE D 44 32.91 -5.88 2.38
CA ILE D 44 32.01 -6.04 3.51
C ILE D 44 31.00 -4.91 3.49
N PHE D 45 31.51 -3.73 3.18
CA PHE D 45 30.64 -2.56 3.10
C PHE D 45 29.57 -2.79 2.05
N PHE D 46 29.98 -3.03 0.82
CA PHE D 46 29.03 -3.20 -0.28
C PHE D 46 28.03 -4.33 -0.06
N LEU D 47 28.38 -5.30 0.78
CA LEU D 47 27.44 -6.38 1.11
C LEU D 47 26.57 -6.06 2.32
N ASN D 48 26.99 -5.11 3.13
CA ASN D 48 26.25 -4.75 4.33
C ASN D 48 25.69 -3.34 4.28
N HIS D 49 25.61 -2.80 3.06
CA HIS D 49 25.12 -1.44 2.88
C HIS D 49 23.68 -1.34 3.33
N LYS D 50 22.84 -2.15 2.72
CA LYS D 50 21.42 -2.13 3.03
C LYS D 50 21.18 -2.40 4.52
N LYS D 51 21.93 -3.36 5.06
CA LYS D 51 21.81 -3.73 6.47
C LYS D 51 22.11 -2.53 7.38
N ALA D 52 23.24 -1.88 7.16
CA ALA D 52 23.63 -0.70 7.93
C ALA D 52 22.65 0.45 7.73
N LYS D 53 22.04 0.47 6.56
CA LYS D 53 21.12 1.53 6.18
C LYS D 53 19.86 1.43 7.03
N ASP D 54 19.30 0.22 7.10
CA ASP D 54 18.13 -0.02 7.93
C ASP D 54 18.48 0.14 9.41
N SER D 55 19.68 -0.31 9.80
CA SER D 55 20.13 -0.17 11.18
C SER D 55 20.22 1.31 11.56
N LEU D 56 20.53 2.16 10.60
CA LEU D 56 20.57 3.60 10.81
C LEU D 56 19.15 4.16 10.82
N LYS D 57 18.28 3.54 10.03
CA LYS D 57 16.88 3.94 9.95
C LYS D 57 16.25 3.77 11.33
N GLY D 58 16.66 2.71 12.03
CA GLY D 58 16.17 2.41 13.36
C GLY D 58 16.64 3.35 14.45
N SER D 59 17.93 3.72 14.39
CA SER D 59 18.52 4.56 15.44
C SER D 59 18.17 6.02 15.25
N PRO D 60 18.04 6.76 16.36
CA PRO D 60 17.70 8.18 16.25
C PRO D 60 18.89 9.08 16.44
N LYS D 61 20.05 8.48 16.64
CA LYS D 61 21.26 9.24 16.88
C LYS D 61 21.74 9.87 15.59
N VAL D 62 22.15 11.14 15.69
CA VAL D 62 22.49 11.94 14.52
C VAL D 62 23.84 11.58 13.89
N GLU D 63 24.78 11.12 14.71
CA GLU D 63 26.11 10.79 14.22
C GLU D 63 26.60 9.49 14.82
N VAL D 64 26.44 8.41 14.04
CA VAL D 64 26.71 7.05 14.48
C VAL D 64 28.08 6.55 14.04
N ASP D 65 28.61 5.56 14.75
CA ASP D 65 29.88 4.94 14.40
C ASP D 65 29.61 3.57 13.79
N LEU D 66 30.38 3.21 12.75
CA LEU D 66 30.14 1.95 12.07
C LEU D 66 31.44 1.21 11.88
N GLN D 67 31.39 -0.11 11.85
CA GLN D 67 32.60 -0.86 11.58
C GLN D 67 32.38 -1.87 10.47
N PHE D 68 33.13 -1.70 9.39
CA PHE D 68 33.13 -2.66 8.29
C PHE D 68 34.49 -3.33 8.27
N GLY D 69 34.53 -4.56 8.77
CA GLY D 69 35.78 -5.28 8.95
C GLY D 69 36.66 -4.52 9.92
N THR D 70 37.78 -4.00 9.43
CA THR D 70 38.72 -3.24 10.26
C THR D 70 38.45 -1.74 10.16
N LEU D 71 37.60 -1.34 9.22
CA LEU D 71 37.36 0.08 8.97
C LEU D 71 36.23 0.62 9.84
N ARG D 72 36.55 1.64 10.62
CA ARG D 72 35.56 2.33 11.47
C ARG D 72 35.29 3.69 10.86
N VAL D 73 34.02 4.08 10.79
CA VAL D 73 33.70 5.36 10.19
C VAL D 73 32.74 6.14 11.07
N LYS D 74 32.92 7.46 11.05
CA LYS D 74 32.08 8.38 11.78
C LYS D 74 31.08 8.94 10.78
N VAL D 75 29.88 8.36 10.74
CA VAL D 75 28.93 8.72 9.68
C VAL D 75 27.71 9.45 10.23
N VAL D 76 27.15 10.36 9.42
CA VAL D 76 25.94 11.08 9.77
C VAL D 76 24.69 10.26 9.44
N ASN D 77 23.77 10.18 10.40
CA ASN D 77 22.51 9.47 10.22
C ASN D 77 21.37 10.44 9.95
N ASN D 78 20.84 10.37 8.74
CA ASN D 78 19.65 11.12 8.36
C ASN D 78 18.61 10.18 7.78
N HIS D 79 18.74 8.89 8.13
CA HIS D 79 17.81 7.88 7.65
C HIS D 79 16.59 7.79 8.56
N ASN D 80 16.78 8.17 9.83
CA ASN D 80 15.67 8.25 10.77
C ASN D 80 14.78 9.35 10.29
N PRO D 81 13.46 9.08 10.20
CA PRO D 81 12.50 10.03 9.66
C PRO D 81 12.65 11.43 10.24
N ARG D 82 12.59 11.57 11.56
CA ARG D 82 12.68 12.88 12.20
C ARG D 82 13.96 13.62 11.76
N ASN D 83 15.03 12.86 11.58
CA ASN D 83 16.34 13.41 11.22
C ASN D 83 16.54 13.74 9.73
N ARG D 84 15.58 13.39 8.87
CA ARG D 84 15.78 13.48 7.42
C ARG D 84 16.14 14.86 6.85
N ASP D 85 16.04 15.90 7.66
CA ASP D 85 16.35 17.25 7.17
C ASP D 85 17.47 17.93 7.97
N ASN D 86 18.18 17.15 8.77
CA ASN D 86 19.34 17.67 9.49
C ASN D 86 20.46 18.03 8.52
N PRO D 87 21.35 18.96 8.95
CA PRO D 87 22.41 19.43 8.03
C PRO D 87 23.53 18.42 7.86
N VAL D 88 24.25 18.55 6.76
CA VAL D 88 25.35 17.65 6.44
C VAL D 88 26.58 18.44 6.01
N ALA D 89 27.62 18.37 6.84
CA ALA D 89 28.86 19.08 6.55
C ALA D 89 29.48 18.55 5.26
N ASP D 90 30.31 19.34 4.61
CA ASP D 90 30.90 18.92 3.34
C ASP D 90 32.09 17.98 3.58
N ASN D 91 32.55 17.95 4.82
CA ASN D 91 33.61 17.03 5.23
C ASN D 91 32.99 15.88 6.01
N ALA D 92 31.67 15.86 6.09
CA ALA D 92 30.96 14.80 6.78
C ALA D 92 30.71 13.64 5.81
N ILE D 93 30.31 12.50 6.36
CA ILE D 93 30.09 11.30 5.56
C ILE D 93 28.73 10.67 5.87
N THR D 94 27.93 10.45 4.82
CA THR D 94 26.72 9.65 4.94
C THR D 94 27.01 8.32 4.25
N LEU D 95 26.15 7.33 4.47
CA LEU D 95 26.32 6.02 3.86
C LEU D 95 26.37 6.12 2.33
N HIS D 96 25.64 7.07 1.78
CA HIS D 96 25.63 7.30 0.34
C HIS D 96 27.02 7.80 -0.08
N ARG D 97 27.51 8.83 0.62
CA ARG D 97 28.82 9.39 0.36
C ARG D 97 29.91 8.33 0.54
N LEU D 98 29.77 7.51 1.58
CA LEU D 98 30.75 6.46 1.85
C LEU D 98 30.77 5.45 0.71
N SER D 99 29.59 5.06 0.26
CA SER D 99 29.48 4.08 -0.82
C SER D 99 30.14 4.63 -2.08
N GLY D 100 29.78 5.85 -2.46
CA GLY D 100 30.38 6.50 -3.63
C GLY D 100 31.89 6.61 -3.53
N TYR D 101 32.36 7.01 -2.35
CA TYR D 101 33.79 7.16 -2.09
C TYR D 101 34.51 5.84 -2.30
N LEU D 102 33.97 4.77 -1.73
CA LEU D 102 34.60 3.45 -1.84
C LEU D 102 34.54 2.90 -3.27
N ALA D 103 33.50 3.30 -4.01
CA ALA D 103 33.42 2.96 -5.41
C ALA D 103 34.59 3.61 -6.15
N LYS D 104 34.80 4.89 -5.84
CA LYS D 104 35.93 5.62 -6.42
C LYS D 104 37.25 4.95 -6.05
N TRP D 105 37.34 4.55 -4.78
CA TRP D 105 38.53 3.88 -4.27
C TRP D 105 38.86 2.64 -5.05
N CYS D 106 37.84 1.79 -5.30
CA CYS D 106 38.02 0.59 -6.11
C CYS D 106 38.51 0.97 -7.49
N PHE D 107 37.91 2.03 -8.04
CA PHE D 107 38.26 2.52 -9.37
C PHE D 107 39.73 2.94 -9.48
N ASP D 108 40.25 3.59 -8.44
CA ASP D 108 41.66 3.98 -8.44
C ASP D 108 42.56 2.80 -8.21
N GLU D 109 42.17 1.96 -7.25
CA GLU D 109 42.96 0.83 -6.82
C GLU D 109 43.23 -0.09 -7.98
N ILE D 110 42.22 -0.30 -8.81
CA ILE D 110 42.40 -1.07 -10.03
C ILE D 110 43.55 -0.53 -10.91
N ASP D 111 43.64 0.80 -11.05
CA ASP D 111 44.70 1.42 -11.86
C ASP D 111 46.11 1.36 -11.25
N HIS D 112 46.19 1.18 -9.93
CA HIS D 112 47.49 1.09 -9.23
C HIS D 112 48.39 -0.03 -9.76
N GLY D 113 47.80 -1.01 -10.40
CA GLY D 113 48.55 -2.13 -10.96
C GLY D 113 47.59 -3.30 -11.14
N GLN D 114 48.15 -4.45 -11.50
CA GLN D 114 47.35 -5.63 -11.78
C GLN D 114 47.01 -6.43 -10.51
N ILE D 115 47.94 -6.52 -9.56
CA ILE D 115 47.68 -7.24 -8.30
C ILE D 115 46.53 -6.59 -7.51
N GLU D 116 46.55 -5.26 -7.41
CA GLU D 116 45.47 -4.54 -6.73
C GLU D 116 44.16 -4.78 -7.47
N GLU D 117 44.24 -4.76 -8.81
CA GLU D 117 43.10 -5.03 -9.67
C GLU D 117 42.54 -6.42 -9.37
N ALA D 118 43.44 -7.34 -9.03
CA ALA D 118 43.07 -8.72 -8.80
C ALA D 118 42.39 -8.83 -7.46
N GLU D 119 42.90 -8.15 -6.44
CA GLU D 119 42.20 -8.17 -5.16
C GLU D 119 40.81 -7.58 -5.30
N VAL D 120 40.70 -6.40 -5.89
CA VAL D 120 39.38 -5.78 -6.00
C VAL D 120 38.42 -6.65 -6.81
N LYS D 121 38.81 -7.02 -8.03
CA LYS D 121 37.96 -7.85 -8.90
C LYS D 121 37.61 -9.22 -8.34
N SER D 122 38.53 -9.86 -7.62
CA SER D 122 38.27 -11.20 -7.12
C SER D 122 37.47 -11.12 -5.84
N LYS D 123 37.58 -9.99 -5.16
CA LYS D 123 36.82 -9.83 -3.92
C LYS D 123 35.57 -8.97 -4.02
N VAL D 124 35.66 -7.73 -4.48
CA VAL D 124 34.54 -6.81 -4.32
C VAL D 124 33.35 -7.18 -5.22
N VAL D 125 32.17 -7.25 -4.61
CA VAL D 125 30.93 -7.55 -5.32
C VAL D 125 29.80 -6.58 -4.95
N ILE D 126 29.13 -6.05 -5.97
CA ILE D 126 28.05 -5.08 -5.79
C ILE D 126 26.70 -5.67 -6.17
N PRO D 127 25.89 -6.00 -5.16
CA PRO D 127 24.62 -6.72 -5.30
C PRO D 127 23.71 -6.14 -6.38
N LEU D 128 23.59 -4.83 -6.46
CA LEU D 128 22.71 -4.21 -7.47
C LEU D 128 23.16 -4.45 -8.90
N ALA D 129 24.47 -4.49 -9.11
CA ALA D 129 25.02 -4.72 -10.44
C ALA D 129 24.72 -6.15 -10.80
N GLU D 130 24.87 -7.01 -9.81
CA GLU D 130 24.67 -8.43 -9.93
C GLU D 130 23.23 -8.80 -10.28
N ALA D 131 22.30 -8.21 -9.54
CA ALA D 131 20.86 -8.46 -9.69
C ALA D 131 20.42 -8.19 -11.12
N LYS D 132 21.25 -7.48 -11.86
CA LYS D 132 20.99 -7.18 -13.25
C LYS D 132 21.91 -8.00 -14.14
N GLY D 133 22.74 -8.84 -13.53
CA GLY D 133 23.55 -9.76 -14.29
C GLY D 133 24.79 -9.11 -14.84
N CYS D 134 25.20 -8.03 -14.22
CA CYS D 134 26.43 -7.37 -14.62
C CYS D 134 27.52 -7.90 -13.71
N LYS D 135 28.68 -8.20 -14.29
CA LYS D 135 29.86 -8.64 -13.55
C LYS D 135 31.06 -7.81 -13.97
N TRP D 136 32.14 -7.94 -13.21
CA TRP D 136 33.37 -7.19 -13.46
C TRP D 136 33.83 -7.31 -14.91
N GLY D 137 33.60 -8.48 -15.50
CA GLY D 137 34.02 -8.75 -16.86
C GLY D 137 33.42 -7.82 -17.90
N ASP D 138 32.24 -7.29 -17.59
CA ASP D 138 31.55 -6.39 -18.50
C ASP D 138 32.28 -5.04 -18.59
N GLY D 139 32.86 -4.59 -17.49
CA GLY D 139 33.61 -3.36 -17.42
C GLY D 139 33.78 -2.88 -16.00
N VAL D 140 34.77 -2.02 -15.75
CA VAL D 140 35.01 -1.50 -14.41
C VAL D 140 34.05 -0.34 -14.12
N ALA D 141 34.04 0.65 -15.00
CA ALA D 141 33.18 1.82 -14.84
C ALA D 141 31.72 1.38 -14.75
N LEU D 142 31.31 0.51 -15.68
CA LEU D 142 29.96 -0.01 -15.74
C LEU D 142 29.56 -0.78 -14.47
N TYR D 143 30.41 -1.72 -14.07
CA TYR D 143 30.10 -2.54 -12.91
C TYR D 143 30.02 -1.72 -11.63
N LEU D 144 30.95 -0.78 -11.48
CA LEU D 144 30.99 0.04 -10.29
C LEU D 144 29.89 1.10 -10.27
N ALA D 145 29.36 1.40 -11.46
CA ALA D 145 28.36 2.45 -11.62
C ALA D 145 27.04 2.10 -10.94
N PHE D 146 26.86 0.82 -10.63
CA PHE D 146 25.65 0.37 -9.97
C PHE D 146 25.70 0.72 -8.47
N ALA D 147 26.88 1.07 -7.98
CA ALA D 147 27.02 1.39 -6.56
C ALA D 147 26.40 2.75 -6.29
N PRO D 148 25.59 2.83 -5.24
CA PRO D 148 24.98 4.11 -4.86
C PRO D 148 26.08 5.11 -4.55
N GLY D 149 25.91 6.36 -5.00
CA GLY D 149 26.91 7.38 -4.74
C GLY D 149 27.89 7.52 -5.90
N ALA D 150 27.83 6.59 -6.85
CA ALA D 150 28.69 6.66 -8.01
C ALA D 150 28.31 7.87 -8.89
N GLU D 151 27.08 8.35 -8.71
CA GLU D 151 26.57 9.48 -9.49
C GLU D 151 27.38 10.75 -9.22
N MET D 152 28.10 10.76 -8.11
CA MET D 152 28.96 11.88 -7.75
C MET D 152 30.20 11.95 -8.64
N PHE D 153 30.53 10.84 -9.28
CA PHE D 153 31.71 10.80 -10.16
C PHE D 153 31.30 10.34 -11.55
N LEU D 154 30.47 11.14 -12.20
CA LEU D 154 29.89 10.76 -13.49
C LEU D 154 30.95 10.60 -14.57
N LYS D 155 32.04 11.35 -14.43
CA LYS D 155 33.11 11.34 -15.42
C LYS D 155 33.86 10.01 -15.38
N ASP D 156 34.34 9.66 -14.21
CA ASP D 156 35.14 8.44 -14.03
C ASP D 156 34.34 7.19 -14.41
N PHE D 157 33.05 7.19 -14.10
CA PHE D 157 32.20 6.06 -14.41
C PHE D 157 31.49 6.20 -15.75
N GLU D 158 31.97 7.14 -16.56
CA GLU D 158 31.56 7.24 -17.96
C GLU D 158 30.06 7.31 -18.19
N PHE D 159 29.37 8.02 -17.32
CA PHE D 159 27.98 8.31 -17.52
C PHE D 159 27.10 7.11 -17.24
N TYR D 160 27.70 6.02 -16.79
CA TYR D 160 26.97 4.77 -16.58
C TYR D 160 25.89 4.79 -15.48
N PRO D 161 26.15 5.48 -14.35
CA PRO D 161 25.07 5.56 -13.35
C PRO D 161 23.82 6.24 -13.88
N LEU D 162 24.00 7.26 -14.69
CA LEU D 162 22.88 7.98 -15.30
C LEU D 162 22.11 7.01 -16.19
N ALA D 163 22.83 6.32 -17.08
CA ALA D 163 22.22 5.40 -18.02
C ALA D 163 21.44 4.32 -17.26
N ILE D 164 22.05 3.81 -16.19
CA ILE D 164 21.42 2.81 -15.34
C ILE D 164 20.13 3.34 -14.75
N ASP D 165 20.16 4.55 -14.21
CA ASP D 165 18.96 5.15 -13.64
C ASP D 165 17.83 5.26 -14.68
N ILE D 166 18.19 5.72 -15.87
CA ILE D 166 17.26 5.80 -16.99
C ILE D 166 16.63 4.43 -17.28
N GLN D 167 17.47 3.40 -17.39
CA GLN D 167 16.99 2.05 -17.65
C GLN D 167 16.09 1.53 -16.51
N ARG D 168 16.38 1.94 -15.28
CA ARG D 168 15.53 1.57 -14.16
C ARG D 168 14.15 2.18 -14.38
N VAL D 169 14.14 3.42 -14.87
CA VAL D 169 12.88 4.09 -15.14
C VAL D 169 12.08 3.40 -16.25
N VAL D 170 12.73 3.10 -17.37
CA VAL D 170 12.01 2.52 -18.51
C VAL D 170 11.62 1.03 -18.35
N LYS D 171 12.54 0.22 -17.84
CA LYS D 171 12.33 -1.21 -17.71
C LYS D 171 11.75 -1.65 -16.37
N ASP D 172 12.08 -0.92 -15.31
CA ASP D 172 11.71 -1.34 -13.98
C ASP D 172 10.67 -0.41 -13.39
N GLY D 173 10.18 0.52 -14.21
CA GLY D 173 9.16 1.45 -13.78
C GLY D 173 9.58 2.21 -12.52
N MET D 174 10.86 2.51 -12.43
CA MET D 174 11.40 3.22 -11.28
C MET D 174 10.75 4.58 -11.17
N ASP D 175 10.39 4.99 -9.97
CA ASP D 175 9.81 6.31 -9.78
C ASP D 175 10.88 7.31 -10.16
N ILE D 176 10.53 8.24 -11.04
CA ILE D 176 11.47 9.18 -11.66
C ILE D 176 12.17 10.09 -10.61
N THR D 177 11.57 10.21 -9.44
CA THR D 177 12.08 11.09 -8.39
C THR D 177 13.51 10.74 -7.97
N PHE D 178 13.90 9.49 -8.14
CA PHE D 178 15.25 9.07 -7.75
C PHE D 178 16.34 9.61 -8.68
N MET D 179 15.93 10.24 -9.78
CA MET D 179 16.90 10.76 -10.72
C MET D 179 17.21 12.23 -10.43
N ARG D 180 16.52 12.78 -9.44
CA ARG D 180 16.70 14.18 -9.07
C ARG D 180 18.19 14.45 -8.85
N LYS D 181 18.79 13.69 -7.95
CA LYS D 181 20.19 13.82 -7.60
C LYS D 181 21.14 13.77 -8.79
N VAL D 182 21.05 12.71 -9.59
CA VAL D 182 22.00 12.49 -10.66
C VAL D 182 21.93 13.58 -11.72
N LEU D 183 20.77 14.21 -11.83
CA LEU D 183 20.58 15.24 -12.84
C LEU D 183 21.12 16.60 -12.40
N LYS D 184 21.69 16.66 -11.20
CA LYS D 184 22.32 17.88 -10.71
C LYS D 184 23.82 17.71 -10.66
N GLN D 185 24.27 16.48 -10.90
CA GLN D 185 25.68 16.16 -10.78
C GLN D 185 26.46 16.68 -11.97
N ARG D 186 27.78 16.81 -11.81
CA ARG D 186 28.60 17.34 -12.87
C ARG D 186 29.26 16.21 -13.64
N TYR D 187 29.65 16.49 -14.89
CA TYR D 187 30.42 15.54 -15.67
C TYR D 187 31.81 16.14 -15.81
N GLY D 188 32.68 15.80 -14.86
CA GLY D 188 33.99 16.40 -14.77
C GLY D 188 33.84 17.88 -14.43
N THR D 189 34.07 18.73 -15.42
CA THR D 189 33.95 20.17 -15.23
C THR D 189 32.58 20.69 -15.65
N LYS D 190 31.93 20.00 -16.59
CA LYS D 190 30.64 20.45 -17.12
C LYS D 190 29.52 20.34 -16.08
N THR D 191 28.75 21.42 -15.94
CA THR D 191 27.59 21.41 -15.06
C THR D 191 26.43 20.69 -15.77
N ALA D 192 25.38 20.40 -15.01
CA ALA D 192 24.24 19.64 -15.52
C ALA D 192 23.66 20.27 -16.78
N ASP D 193 23.35 21.55 -16.69
CA ASP D 193 22.79 22.32 -17.80
C ASP D 193 23.63 22.14 -19.05
N ASP D 194 24.94 22.04 -18.89
CA ASP D 194 25.84 21.88 -20.02
C ASP D 194 25.74 20.48 -20.62
N TRP D 195 26.12 19.46 -19.85
CA TRP D 195 26.23 18.11 -20.41
C TRP D 195 24.89 17.51 -20.83
N MET D 196 23.79 18.06 -20.31
CA MET D 196 22.47 17.56 -20.67
C MET D 196 22.17 17.83 -22.14
N ILE D 197 22.96 18.72 -22.74
CA ILE D 197 22.86 19.04 -24.16
C ILE D 197 24.14 18.64 -24.89
N SER D 198 25.28 18.87 -24.22
CA SER D 198 26.59 18.65 -24.81
C SER D 198 26.90 17.17 -25.05
N GLU D 199 26.73 16.38 -24.00
CA GLU D 199 27.22 15.01 -24.01
C GLU D 199 26.18 13.97 -24.40
N VAL D 200 25.08 14.42 -25.00
CA VAL D 200 23.97 13.52 -25.35
C VAL D 200 24.43 12.25 -26.07
N THR D 201 25.43 12.39 -26.93
CA THR D 201 25.98 11.25 -27.68
C THR D 201 26.61 10.20 -26.76
N ALA D 202 27.57 10.63 -25.94
CA ALA D 202 28.26 9.73 -25.01
C ALA D 202 27.27 9.05 -24.07
N ILE D 203 26.28 9.82 -23.60
CA ILE D 203 25.22 9.33 -22.74
C ILE D 203 24.43 8.23 -23.45
N GLN D 204 23.98 8.50 -24.67
CA GLN D 204 23.25 7.49 -25.44
C GLN D 204 24.09 6.22 -25.63
N SER D 205 25.38 6.39 -25.89
CA SER D 205 26.27 5.23 -26.03
C SER D 205 26.23 4.40 -24.74
N ALA D 206 26.34 5.08 -23.61
CA ALA D 206 26.27 4.41 -22.32
C ALA D 206 24.95 3.64 -22.19
N VAL D 207 23.85 4.32 -22.51
CA VAL D 207 22.52 3.72 -22.47
C VAL D 207 22.44 2.45 -23.33
N LYS D 208 23.01 2.51 -24.53
CA LYS D 208 23.05 1.35 -25.42
C LYS D 208 23.79 0.21 -24.76
N VAL D 209 24.96 0.52 -24.19
CA VAL D 209 25.77 -0.46 -23.47
C VAL D 209 24.99 -1.15 -22.35
N VAL D 210 24.38 -0.35 -21.49
CA VAL D 210 23.64 -0.88 -20.37
C VAL D 210 22.52 -1.67 -20.94
N ALA D 211 21.97 -1.17 -22.03
CA ALA D 211 20.80 -1.77 -22.61
C ALA D 211 21.13 -3.18 -23.02
N LYS D 212 22.28 -3.37 -23.63
CA LYS D 212 22.68 -4.69 -24.09
C LYS D 212 23.31 -5.47 -22.97
N LEU D 213 22.48 -5.83 -22.01
CA LEU D 213 22.86 -6.38 -20.73
C LEU D 213 21.81 -7.39 -20.44
N PRO D 214 22.02 -8.29 -19.50
CA PRO D 214 20.97 -9.25 -19.25
C PRO D 214 19.72 -8.65 -18.68
N TRP D 215 19.79 -7.84 -17.63
CA TRP D 215 18.58 -7.27 -17.04
C TRP D 215 17.59 -8.40 -16.82
N ALA D 216 16.38 -8.24 -17.35
CA ALA D 216 15.63 -9.31 -17.99
C ALA D 216 15.69 -10.57 -17.13
N LYS D 217 15.28 -10.45 -15.88
CA LYS D 217 14.65 -9.28 -15.32
C LYS D 217 15.25 -9.35 -13.97
N ALA D 218 14.95 -8.38 -13.13
CA ALA D 218 15.51 -8.45 -11.80
C ALA D 218 15.03 -9.80 -11.26
N GLY D 219 15.90 -10.49 -10.55
CA GLY D 219 15.58 -11.79 -10.00
C GLY D 219 15.82 -13.01 -10.87
N PHE D 220 16.44 -12.84 -12.05
CA PHE D 220 16.67 -14.01 -12.90
C PHE D 220 17.99 -14.21 -13.67
N THR D 221 18.36 -15.48 -13.80
CA THR D 221 19.48 -15.95 -14.61
C THR D 221 19.00 -16.98 -15.62
N ALA D 222 19.17 -16.74 -16.90
CA ALA D 222 18.64 -17.67 -17.89
C ALA D 222 19.59 -18.81 -18.27
N ALA D 223 19.86 -19.73 -17.35
CA ALA D 223 20.83 -20.78 -17.67
C ALA D 223 20.33 -21.59 -18.86
N ALA D 224 19.06 -21.99 -18.80
CA ALA D 224 18.31 -22.54 -19.92
C ALA D 224 17.02 -21.78 -20.19
N LYS D 225 16.74 -21.59 -21.48
CA LYS D 225 15.51 -21.00 -22.00
C LYS D 225 14.32 -21.92 -21.85
N ASN D 226 13.15 -21.30 -21.90
CA ASN D 226 11.87 -21.95 -21.68
C ASN D 226 10.92 -21.68 -22.84
N PHE D 227 10.24 -22.71 -23.33
CA PHE D 227 9.25 -22.51 -24.38
C PHE D 227 8.07 -22.02 -23.54
N LEU D 228 8.29 -20.86 -22.96
CA LEU D 228 7.29 -20.27 -22.12
C LEU D 228 6.20 -19.93 -23.06
N ALA D 229 4.98 -19.83 -22.55
CA ALA D 229 3.96 -19.13 -23.28
C ALA D 229 4.47 -17.69 -23.33
N LYS D 230 5.02 -17.25 -22.21
CA LYS D 230 5.50 -15.89 -22.08
C LYS D 230 6.72 -15.70 -21.17
N PHE D 231 7.40 -14.58 -21.38
CA PHE D 231 8.52 -14.08 -20.60
C PHE D 231 8.26 -12.70 -20.01
N ASN D 232 8.51 -12.57 -18.72
CA ASN D 232 8.45 -11.28 -18.07
C ASN D 232 7.04 -10.77 -17.91
#